data_8PNB
#
_entry.id   8PNB
#
loop_
_entity.id
_entity.type
_entity.pdbx_description
1 polymer 'Capsid protein VP1'
2 polymer 'Capsid protein VP2'
3 polymer 'Genome polyprotein'
#
loop_
_entity_poly.entity_id
_entity_poly.type
_entity_poly.pdbx_seq_one_letter_code
_entity_poly.pdbx_strand_id
1 'polypeptide(L)'
;FNGSETDVECFLGRAACVHVTEIQNKDATGIDNHREAKLFNDWKINLSSLVQLRKKLELFTYVRFDSEYTILATASQPDS
ANYSSNLVVQAMYVPPGAPNPKEWDDYTWQSASNPSVFFKVGDTSRFSVPYVGLASAYNCFYDGYSHDDAETQYGITVLN
HMGSMAFRIVNEHDEHKTLVKIRVYHRAKHVEAWIPRAPRALPYTSIGRTNYPKNTEPVIKKRKGDIKSY
;
1
2 'polypeptide(L)'
;CGYSDRVQQITLGNSTITTQEAANAVVCYAEWPEYLPDVDASDVNKTSKPDTSVCRFYTLDSKTWTTGSKGWCWKLPDAL
KDMGVFGQNMFFHSLGRSGYTVHVQCNATKFHSGCLLVVVIPEHQLASHEGGNVSVKYTFTHPGERGIDLSSANEVGGPV
KDVLYNMNGTLLGNLLIFPHQFINLRTNNTATIVIPYINSVPIDSMTRHNNVSLMVIPIAPLTVPTGATPSLPITVTIAP
MCTEFSGIRSKSIVPQ
;
2
3 'polypeptide(L)'
;GLPTTTLPGSGQFLTTDDRQSPSALPNYEPTPRIHIPGKVHNLLEIIQVDTLIPMNNTHTKDEVNSYLIPLNANRQNEQV
FGTNLFIGDGVFKTTLLGEIVQYYTHWSGSLRFSLMYTGPALSSAKLILAYTPPGARGPQDRREAMLGTHVVWDIGLQST
IVMTIPWTSGVQFRYTDPDTYTSAGFLSCWYQTSLILPPETTGQVYLLSFISACPDFKLRLMKDTQTISQTVALTE
;
3
#
# COMPACT_ATOMS: atom_id res chain seq x y z
N PHE A 1 -23.30 3.75 7.27
CA PHE A 1 -24.36 3.93 6.30
C PHE A 1 -24.07 3.18 5.01
N ASN A 2 -25.14 2.78 4.31
CA ASN A 2 -25.00 2.17 2.98
C ASN A 2 -25.18 3.24 1.90
N GLY A 3 -24.41 4.31 2.05
CA GLY A 3 -24.46 5.41 1.12
C GLY A 3 -23.13 5.57 0.42
N SER A 4 -23.21 5.76 -0.90
CA SER A 4 -22.03 5.74 -1.76
C SER A 4 -21.25 7.06 -1.66
N GLU A 5 -20.69 7.30 -0.49
CA GLU A 5 -19.81 8.44 -0.27
C GLU A 5 -18.40 8.02 0.12
N THR A 6 -18.27 7.16 1.12
CA THR A 6 -16.97 6.69 1.54
C THR A 6 -16.63 5.30 1.05
N ASP A 7 -17.49 4.69 0.24
CA ASP A 7 -17.18 3.39 -0.33
C ASP A 7 -16.15 3.54 -1.45
N VAL A 8 -15.72 2.40 -1.97
CA VAL A 8 -14.64 2.38 -2.96
C VAL A 8 -15.11 2.93 -4.30
N GLU A 9 -16.36 2.63 -4.69
CA GLU A 9 -16.88 3.03 -5.99
C GLU A 9 -16.97 4.54 -6.13
N CYS A 10 -17.44 5.23 -5.09
CA CYS A 10 -17.41 6.69 -5.08
C CYS A 10 -16.00 7.21 -4.95
N PHE A 11 -15.10 6.43 -4.35
CA PHE A 11 -13.77 6.93 -4.01
C PHE A 11 -12.94 7.16 -5.26
N LEU A 12 -12.91 6.20 -6.16
CA LEU A 12 -12.06 6.28 -7.34
C LEU A 12 -12.83 6.66 -8.59
N GLY A 13 -14.16 6.68 -8.54
CA GLY A 13 -14.97 6.85 -9.72
C GLY A 13 -15.10 8.26 -10.24
N ARG A 14 -14.40 9.23 -9.67
CA ARG A 14 -14.46 10.58 -10.18
C ARG A 14 -13.60 10.72 -11.45
N ALA A 15 -13.93 11.71 -12.25
CA ALA A 15 -13.30 11.91 -13.54
C ALA A 15 -12.21 12.97 -13.43
N ALA A 16 -11.02 12.66 -13.95
CA ALA A 16 -9.85 13.51 -13.76
C ALA A 16 -9.14 13.74 -15.08
N CYS A 17 -8.52 14.92 -15.20
CA CYS A 17 -7.80 15.31 -16.41
C CYS A 17 -6.49 14.55 -16.52
N VAL A 18 -6.43 13.68 -17.47
CA VAL A 18 -5.18 13.04 -17.82
C VAL A 18 -4.87 13.40 -19.27
N HIS A 19 -3.58 13.48 -19.59
CA HIS A 19 -3.07 13.55 -20.96
C HIS A 19 -3.59 14.76 -21.73
N VAL A 20 -3.17 15.93 -21.29
CA VAL A 20 -3.35 17.13 -22.11
C VAL A 20 -2.44 17.01 -23.33
N THR A 21 -2.99 17.26 -24.51
CA THR A 21 -2.19 17.23 -25.72
C THR A 21 -2.67 18.26 -26.72
N GLU A 22 -1.90 18.44 -27.78
CA GLU A 22 -2.07 19.55 -28.70
C GLU A 22 -1.61 19.12 -30.09
N ILE A 23 -2.55 18.94 -31.01
CA ILE A 23 -2.24 18.49 -32.37
C ILE A 23 -2.82 19.48 -33.38
N GLN A 24 -2.59 19.18 -34.66
CA GLN A 24 -3.04 20.01 -35.77
C GLN A 24 -3.11 19.14 -37.02
N ASN A 25 -3.45 19.76 -38.14
CA ASN A 25 -3.30 19.09 -39.44
C ASN A 25 -2.86 20.13 -40.45
N LYS A 26 -1.80 19.82 -41.19
CA LYS A 26 -1.23 20.83 -42.06
C LYS A 26 -1.28 20.39 -43.52
N ASP A 27 -0.62 19.28 -43.84
CA ASP A 27 -0.45 18.83 -45.22
C ASP A 27 0.08 17.40 -45.17
N ALA A 28 0.52 16.86 -46.31
CA ALA A 28 1.24 15.59 -46.33
C ALA A 28 2.59 15.71 -45.63
N THR A 29 3.48 16.55 -46.16
CA THR A 29 4.68 16.91 -45.42
C THR A 29 4.77 18.41 -45.17
N GLY A 30 4.67 19.25 -46.22
CA GLY A 30 4.67 20.70 -46.07
C GLY A 30 5.90 21.25 -45.37
N ILE A 31 5.62 22.08 -44.35
CA ILE A 31 6.68 22.58 -43.49
C ILE A 31 7.14 21.45 -42.56
N ASP A 32 8.45 21.38 -42.32
CA ASP A 32 9.04 20.27 -41.58
C ASP A 32 8.70 20.31 -40.09
N ASN A 33 7.46 19.98 -39.77
CA ASN A 33 6.98 19.75 -38.40
C ASN A 33 5.92 18.66 -38.50
N HIS A 34 6.32 17.41 -38.32
CA HIS A 34 5.47 16.27 -38.62
C HIS A 34 5.24 15.34 -37.44
N ARG A 35 6.29 15.04 -36.69
CA ARG A 35 6.38 13.80 -35.93
C ARG A 35 6.05 13.93 -34.45
N GLU A 36 6.39 15.06 -33.82
CA GLU A 36 6.44 15.09 -32.36
C GLU A 36 5.04 15.20 -31.74
N ALA A 37 4.38 16.33 -31.94
CA ALA A 37 3.05 16.51 -31.39
C ALA A 37 2.07 16.94 -32.47
N LYS A 38 2.48 16.96 -33.72
CA LYS A 38 1.64 17.41 -34.79
C LYS A 38 1.16 16.22 -35.61
N LEU A 39 0.00 16.41 -36.25
CA LEU A 39 -0.65 15.57 -37.24
C LEU A 39 -1.26 14.29 -36.65
N PHE A 40 -0.88 13.93 -35.41
CA PHE A 40 -1.39 12.77 -34.68
C PHE A 40 -0.74 12.75 -33.30
N ASN A 41 -1.23 11.85 -32.45
CA ASN A 41 -0.62 11.60 -31.13
C ASN A 41 -1.08 10.24 -30.63
N ASP A 42 -0.14 9.44 -30.15
CA ASP A 42 -0.46 8.25 -29.36
C ASP A 42 -0.15 8.44 -27.89
N TRP A 43 -1.01 7.89 -27.03
CA TRP A 43 -0.83 8.07 -25.56
C TRP A 43 -0.29 6.81 -24.90
N LYS A 44 -0.81 5.63 -25.23
CA LYS A 44 -0.45 4.38 -24.49
C LYS A 44 -0.99 4.62 -23.07
N ILE A 45 -2.32 4.60 -22.91
CA ILE A 45 -2.96 4.98 -21.61
C ILE A 45 -2.31 4.39 -20.37
N ASN A 46 -2.18 5.21 -19.33
CA ASN A 46 -1.60 4.76 -18.04
C ASN A 46 -2.08 5.76 -16.98
N LEU A 47 -2.82 5.29 -15.97
CA LEU A 47 -3.32 6.16 -14.93
C LEU A 47 -2.19 6.67 -14.06
N SER A 48 -0.95 6.51 -14.50
CA SER A 48 0.23 6.86 -13.73
C SER A 48 0.62 8.31 -13.88
N SER A 49 -0.16 9.10 -14.60
CA SER A 49 0.22 10.48 -14.83
C SER A 49 -0.31 11.38 -13.73
N LEU A 50 -1.64 11.49 -13.63
CA LEU A 50 -2.18 12.47 -12.72
C LEU A 50 -3.43 11.95 -12.02
N VAL A 51 -3.39 10.73 -11.47
CA VAL A 51 -4.36 10.42 -10.43
C VAL A 51 -3.71 10.86 -9.14
N GLN A 52 -3.81 12.19 -8.89
CA GLN A 52 -3.11 12.97 -7.86
C GLN A 52 -1.67 12.47 -7.64
N LEU A 53 -1.00 12.26 -8.77
CA LEU A 53 0.32 11.65 -8.87
C LEU A 53 0.34 10.25 -8.22
N ARG A 54 -0.60 9.42 -8.66
CA ARG A 54 -0.75 8.01 -8.26
C ARG A 54 -0.92 7.82 -6.75
N LYS A 55 -2.04 8.27 -6.23
CA LYS A 55 -2.12 8.05 -4.79
C LYS A 55 -3.25 7.15 -4.34
N LYS A 56 -4.51 7.46 -4.68
CA LYS A 56 -5.63 6.69 -4.14
C LYS A 56 -5.65 5.28 -4.71
N LEU A 57 -5.24 5.10 -5.95
CA LEU A 57 -5.14 3.77 -6.49
C LEU A 57 -3.91 3.04 -5.94
N GLU A 58 -2.85 3.78 -5.60
CA GLU A 58 -1.68 3.15 -5.01
C GLU A 58 -1.92 2.77 -3.56
N LEU A 59 -2.98 3.32 -2.96
CA LEU A 59 -3.37 2.93 -1.62
C LEU A 59 -3.85 1.48 -1.56
N PHE A 60 -4.26 0.91 -2.69
CA PHE A 60 -4.66 -0.48 -2.76
C PHE A 60 -3.67 -1.21 -3.66
N THR A 61 -3.80 -2.53 -3.69
CA THR A 61 -2.86 -3.33 -4.47
C THR A 61 -3.48 -3.85 -5.77
N TYR A 62 -4.69 -4.38 -5.70
CA TYR A 62 -5.34 -5.03 -6.82
C TYR A 62 -6.66 -4.33 -7.11
N VAL A 63 -6.81 -3.80 -8.32
CA VAL A 63 -8.03 -3.11 -8.71
C VAL A 63 -8.57 -3.72 -10.00
N ARG A 64 -9.84 -3.42 -10.27
CA ARG A 64 -10.45 -3.75 -11.55
C ARG A 64 -11.33 -2.59 -11.97
N PHE A 65 -11.10 -2.07 -13.16
CA PHE A 65 -11.81 -0.90 -13.67
C PHE A 65 -12.98 -1.32 -14.56
N ASP A 66 -13.69 -0.30 -15.00
CA ASP A 66 -14.46 -0.34 -16.23
C ASP A 66 -14.48 1.11 -16.70
N SER A 67 -13.60 1.45 -17.63
CA SER A 67 -13.24 2.83 -17.84
C SER A 67 -14.24 3.57 -18.73
N GLU A 68 -14.34 4.88 -18.52
CA GLU A 68 -15.15 5.78 -19.34
C GLU A 68 -14.30 6.97 -19.73
N TYR A 69 -13.54 6.85 -20.80
CA TYR A 69 -12.79 8.00 -21.29
C TYR A 69 -13.75 8.96 -21.95
N THR A 70 -13.75 10.19 -21.49
CA THR A 70 -14.58 11.24 -22.08
C THR A 70 -13.61 12.24 -22.70
N ILE A 71 -13.47 12.18 -24.02
CA ILE A 71 -12.47 12.99 -24.71
C ILE A 71 -13.08 14.36 -24.92
N LEU A 72 -12.48 15.38 -24.30
CA LEU A 72 -12.83 16.75 -24.59
C LEU A 72 -11.78 17.33 -25.51
N ALA A 73 -12.16 17.60 -26.74
CA ALA A 73 -11.29 18.23 -27.72
C ALA A 73 -11.76 19.66 -27.91
N THR A 74 -10.83 20.57 -28.11
CA THR A 74 -11.18 21.95 -28.37
C THR A 74 -10.19 22.56 -29.34
N ALA A 75 -10.62 23.64 -30.01
CA ALA A 75 -9.76 24.31 -31.02
C ALA A 75 -8.97 25.43 -30.35
N SER A 76 -7.69 25.18 -30.07
CA SER A 76 -6.82 26.21 -29.44
C SER A 76 -6.75 27.42 -30.38
N GLN A 77 -6.60 27.16 -31.69
CA GLN A 77 -6.62 28.29 -32.67
C GLN A 77 -8.00 28.93 -32.60
N PRO A 78 -8.12 30.26 -32.37
CA PRO A 78 -9.42 30.94 -32.18
C PRO A 78 -10.67 30.31 -32.81
N ASP A 79 -11.39 29.49 -32.05
CA ASP A 79 -12.64 28.88 -32.56
C ASP A 79 -13.68 29.99 -32.74
N SER A 80 -13.62 31.02 -31.89
CA SER A 80 -14.55 32.18 -32.00
C SER A 80 -14.48 32.77 -33.40
N ALA A 81 -13.26 32.99 -33.92
CA ALA A 81 -13.10 33.50 -35.30
C ALA A 81 -13.47 32.40 -36.30
N ASN A 82 -12.54 31.48 -36.56
CA ASN A 82 -12.82 30.34 -37.48
C ASN A 82 -12.06 29.12 -36.98
N TYR A 83 -11.16 28.57 -37.81
CA TYR A 83 -10.31 27.41 -37.40
C TYR A 83 -11.17 26.31 -36.76
N SER A 84 -12.37 26.06 -37.31
CA SER A 84 -13.29 25.05 -36.73
C SER A 84 -14.23 24.56 -37.83
N SER A 85 -14.08 25.10 -39.05
CA SER A 85 -14.95 24.72 -40.19
C SER A 85 -14.95 23.19 -40.33
N ASN A 86 -16.02 22.53 -39.87
CA ASN A 86 -16.09 21.04 -39.87
C ASN A 86 -14.72 20.44 -39.56
N LEU A 87 -14.15 20.77 -38.40
CA LEU A 87 -12.85 20.20 -38.01
C LEU A 87 -13.12 18.86 -37.30
N VAL A 88 -13.46 17.82 -38.06
CA VAL A 88 -13.80 16.51 -37.46
C VAL A 88 -12.53 15.89 -36.86
N VAL A 89 -12.58 15.54 -35.58
CA VAL A 89 -11.44 14.92 -34.92
C VAL A 89 -11.72 13.43 -34.82
N GLN A 90 -10.69 12.62 -35.01
CA GLN A 90 -10.80 11.18 -34.91
C GLN A 90 -10.04 10.71 -33.69
N ALA A 91 -10.74 10.13 -32.74
CA ALA A 91 -10.13 9.41 -31.63
C ALA A 91 -10.11 7.94 -31.97
N MET A 92 -9.29 7.18 -31.23
CA MET A 92 -9.14 5.75 -31.47
C MET A 92 -8.57 5.03 -30.28
N TYR A 93 -9.27 4.03 -29.77
CA TYR A 93 -8.79 3.22 -28.66
C TYR A 93 -8.16 1.97 -29.24
N VAL A 94 -6.84 1.98 -29.38
CA VAL A 94 -6.10 0.82 -29.83
C VAL A 94 -5.94 -0.11 -28.65
N PRO A 95 -6.48 -1.33 -28.70
CA PRO A 95 -6.45 -2.22 -27.55
C PRO A 95 -5.04 -2.76 -27.33
N PRO A 96 -4.74 -3.27 -26.15
CA PRO A 96 -3.42 -3.89 -25.95
C PRO A 96 -3.28 -5.15 -26.80
N GLY A 97 -2.09 -5.29 -27.39
CA GLY A 97 -1.85 -6.40 -28.27
C GLY A 97 -2.34 -6.07 -29.66
N ALA A 98 -2.05 -4.85 -30.10
CA ALA A 98 -2.42 -4.37 -31.41
C ALA A 98 -1.45 -3.30 -31.85
N PRO A 99 -1.10 -3.22 -33.12
CA PRO A 99 -0.14 -2.22 -33.58
C PRO A 99 -0.73 -0.81 -33.55
N ASN A 100 0.07 0.10 -33.12
CA ASN A 100 0.03 1.53 -32.87
C ASN A 100 0.35 2.29 -34.14
N PRO A 101 -0.46 3.27 -34.53
CA PRO A 101 -0.06 4.16 -35.62
C PRO A 101 1.09 5.05 -35.21
N LYS A 102 1.91 5.38 -36.20
CA LYS A 102 2.96 6.37 -36.04
C LYS A 102 2.95 7.36 -37.19
N GLU A 103 1.83 7.45 -37.89
CA GLU A 103 1.69 8.46 -38.93
C GLU A 103 0.23 8.85 -39.02
N TRP A 104 -0.02 10.08 -39.46
CA TRP A 104 -1.39 10.57 -39.61
C TRP A 104 -2.15 9.79 -40.68
N ASP A 105 -1.58 9.67 -41.86
CA ASP A 105 -2.20 8.95 -42.97
C ASP A 105 -1.67 7.52 -43.01
N ASP A 106 -1.89 6.79 -41.92
CA ASP A 106 -1.31 5.47 -41.76
C ASP A 106 -2.44 4.46 -41.84
N TYR A 107 -2.06 3.21 -42.14
CA TYR A 107 -3.03 2.15 -42.35
C TYR A 107 -3.86 1.83 -41.12
N THR A 108 -3.30 1.88 -39.92
CA THR A 108 -4.10 1.51 -38.75
C THR A 108 -4.83 2.69 -38.12
N TRP A 109 -5.44 3.52 -38.96
CA TRP A 109 -6.59 4.29 -38.52
C TRP A 109 -7.89 3.75 -39.06
N GLN A 110 -7.86 2.89 -40.07
CA GLN A 110 -9.04 2.49 -40.80
C GLN A 110 -9.03 0.99 -40.96
N SER A 111 -8.49 0.25 -39.99
CA SER A 111 -7.95 -1.06 -40.34
C SER A 111 -8.99 -2.17 -40.21
N ALA A 112 -9.32 -2.64 -39.01
CA ALA A 112 -10.42 -3.60 -38.97
C ALA A 112 -11.42 -3.36 -37.84
N SER A 113 -10.92 -3.52 -36.63
CA SER A 113 -11.74 -3.74 -35.45
C SER A 113 -11.15 -2.94 -34.30
N ASN A 114 -10.66 -1.78 -34.66
CA ASN A 114 -10.06 -0.81 -33.79
C ASN A 114 -11.06 0.30 -33.52
N PRO A 115 -11.57 0.40 -32.29
CA PRO A 115 -12.67 1.32 -32.01
C PRO A 115 -12.28 2.78 -32.13
N SER A 116 -12.79 3.41 -33.18
CA SER A 116 -12.42 4.78 -33.51
C SER A 116 -13.71 5.59 -33.53
N VAL A 117 -13.67 6.81 -33.01
CA VAL A 117 -14.85 7.66 -33.05
C VAL A 117 -14.53 8.98 -33.73
N PHE A 118 -15.58 9.64 -34.17
CA PHE A 118 -15.48 10.90 -34.88
C PHE A 118 -16.44 11.87 -34.22
N PHE A 119 -15.95 13.06 -33.90
CA PHE A 119 -16.84 14.06 -33.33
C PHE A 119 -16.34 15.44 -33.71
N LYS A 120 -17.26 16.39 -33.59
CA LYS A 120 -16.97 17.79 -33.88
C LYS A 120 -16.01 18.35 -32.84
N VAL A 121 -15.15 19.27 -33.26
CA VAL A 121 -14.27 19.93 -32.31
C VAL A 121 -15.10 20.82 -31.38
N GLY A 122 -14.70 20.87 -30.12
CA GLY A 122 -15.50 21.59 -29.16
C GLY A 122 -16.66 20.80 -28.60
N ASP A 123 -16.85 19.58 -29.06
CA ASP A 123 -17.80 18.67 -28.44
C ASP A 123 -17.03 17.49 -27.86
N THR A 124 -17.77 16.58 -27.24
CA THR A 124 -17.18 15.50 -26.48
C THR A 124 -17.53 14.16 -27.12
N SER A 125 -17.03 13.10 -26.49
CA SER A 125 -17.41 11.74 -26.87
C SER A 125 -17.21 10.87 -25.64
N ARG A 126 -18.17 9.99 -25.37
CA ARG A 126 -18.16 9.17 -24.17
C ARG A 126 -17.90 7.72 -24.56
N PHE A 127 -17.02 7.06 -23.83
CA PHE A 127 -16.68 5.67 -24.08
C PHE A 127 -17.17 4.79 -22.94
N SER A 128 -17.06 3.50 -23.15
CA SER A 128 -17.03 2.54 -22.06
C SER A 128 -16.17 1.37 -22.50
N VAL A 129 -14.88 1.43 -22.20
CA VAL A 129 -13.97 0.31 -22.46
C VAL A 129 -14.10 -0.65 -21.29
N PRO A 130 -14.39 -1.92 -21.54
CA PRO A 130 -14.52 -2.87 -20.43
C PRO A 130 -13.18 -3.19 -19.78
N TYR A 131 -13.17 -4.09 -18.81
CA TYR A 131 -11.94 -4.41 -18.12
C TYR A 131 -11.05 -5.20 -19.06
N VAL A 132 -10.08 -4.50 -19.66
CA VAL A 132 -9.10 -5.14 -20.53
C VAL A 132 -7.88 -5.39 -19.66
N GLY A 133 -7.89 -6.52 -18.97
CA GLY A 133 -6.78 -6.88 -18.10
C GLY A 133 -6.31 -8.28 -18.41
N LEU A 134 -4.99 -8.43 -18.44
CA LEU A 134 -4.43 -9.77 -18.58
C LEU A 134 -4.68 -10.60 -17.34
N ALA A 135 -4.36 -10.05 -16.18
CA ALA A 135 -4.68 -10.72 -14.93
C ALA A 135 -6.14 -10.48 -14.61
N SER A 136 -6.66 -11.18 -13.60
CA SER A 136 -8.06 -11.01 -13.24
C SER A 136 -8.32 -9.69 -12.55
N ALA A 137 -7.29 -9.05 -12.02
CA ALA A 137 -7.35 -7.69 -11.52
C ALA A 137 -6.16 -6.93 -12.10
N TYR A 138 -6.24 -5.60 -12.09
CA TYR A 138 -5.10 -4.82 -12.54
C TYR A 138 -4.03 -4.88 -11.47
N ASN A 139 -2.87 -5.44 -11.81
CA ASN A 139 -1.75 -5.46 -10.87
C ASN A 139 -1.07 -4.09 -10.93
N CYS A 140 -1.62 -3.17 -10.14
CA CYS A 140 -1.00 -1.86 -10.03
C CYS A 140 0.32 -1.92 -9.28
N PHE A 141 0.53 -2.95 -8.47
CA PHE A 141 1.67 -2.93 -7.56
C PHE A 141 2.21 -4.36 -7.54
N TYR A 142 3.17 -4.65 -8.42
CA TYR A 142 3.55 -6.01 -8.72
C TYR A 142 5.03 -6.24 -8.47
N ASP A 143 5.34 -7.40 -7.90
CA ASP A 143 6.72 -7.82 -7.67
C ASP A 143 7.02 -9.03 -8.55
N GLY A 144 8.06 -8.90 -9.36
CA GLY A 144 8.35 -9.87 -10.39
C GLY A 144 8.62 -9.21 -11.73
N TYR A 145 9.50 -9.84 -12.51
CA TYR A 145 9.67 -9.45 -13.90
C TYR A 145 8.68 -10.22 -14.77
N SER A 146 8.84 -10.16 -16.08
CA SER A 146 7.93 -10.83 -17.00
C SER A 146 8.34 -12.27 -17.28
N HIS A 147 9.64 -12.55 -17.37
CA HIS A 147 10.16 -13.90 -17.53
C HIS A 147 11.55 -13.97 -16.93
N ASP A 148 12.01 -15.20 -16.68
CA ASP A 148 13.43 -15.50 -16.59
C ASP A 148 13.99 -15.93 -17.94
N ASP A 149 13.12 -16.01 -18.94
CA ASP A 149 13.33 -16.40 -20.32
C ASP A 149 13.75 -15.16 -21.10
N ALA A 150 13.21 -14.95 -22.31
CA ALA A 150 13.49 -13.70 -23.07
C ALA A 150 13.21 -12.48 -22.19
N GLU A 151 12.12 -12.50 -21.41
CA GLU A 151 11.74 -11.38 -20.48
C GLU A 151 11.31 -10.12 -21.23
N THR A 152 10.00 -9.89 -21.31
CA THR A 152 9.51 -8.65 -21.98
C THR A 152 9.93 -7.42 -21.17
N GLN A 153 10.72 -6.53 -21.77
CA GLN A 153 11.14 -5.25 -21.12
C GLN A 153 11.66 -5.43 -19.69
N TYR A 154 10.90 -4.97 -18.69
CA TYR A 154 11.41 -4.95 -17.29
C TYR A 154 10.21 -4.97 -16.34
N GLY A 155 10.45 -4.94 -15.02
CA GLY A 155 9.35 -4.86 -14.06
C GLY A 155 8.61 -3.54 -14.00
N ILE A 156 8.56 -2.79 -15.11
CA ILE A 156 7.48 -1.82 -15.30
C ILE A 156 6.14 -2.53 -15.27
N THR A 157 6.11 -3.76 -15.80
CA THR A 157 4.95 -4.63 -15.92
C THR A 157 3.86 -3.93 -16.75
N VAL A 158 4.18 -3.81 -18.03
CA VAL A 158 3.24 -3.37 -19.03
C VAL A 158 2.45 -4.57 -19.59
N LEU A 159 2.64 -5.75 -19.00
CA LEU A 159 1.87 -6.93 -19.38
C LEU A 159 0.38 -6.75 -19.11
N ASN A 160 0.02 -6.16 -17.97
CA ASN A 160 -1.36 -5.75 -17.72
C ASN A 160 -1.60 -4.35 -18.29
N HIS A 161 -1.44 -4.26 -19.60
CA HIS A 161 -1.66 -3.03 -20.32
C HIS A 161 -3.16 -2.75 -20.36
N MET A 162 -3.52 -1.46 -20.34
CA MET A 162 -4.93 -1.09 -20.40
C MET A 162 -5.36 -0.70 -21.80
N GLY A 163 -4.49 -0.06 -22.57
CA GLY A 163 -4.85 0.33 -23.92
C GLY A 163 -3.93 1.41 -24.42
N SER A 164 -4.31 2.00 -25.55
CA SER A 164 -3.51 3.05 -26.16
C SER A 164 -4.42 3.92 -27.00
N MET A 165 -4.59 5.17 -26.58
CA MET A 165 -5.44 6.14 -27.25
C MET A 165 -4.67 6.84 -28.34
N ALA A 166 -5.32 7.02 -29.49
CA ALA A 166 -4.71 7.69 -30.61
C ALA A 166 -5.64 8.78 -31.12
N PHE A 167 -5.09 9.96 -31.35
CA PHE A 167 -5.88 11.12 -31.78
C PHE A 167 -5.26 11.71 -33.03
N ARG A 168 -6.10 12.05 -34.00
CA ARG A 168 -5.64 12.65 -35.24
C ARG A 168 -6.76 13.46 -35.88
N ILE A 169 -6.43 14.16 -36.96
CA ILE A 169 -7.36 15.02 -37.69
C ILE A 169 -7.52 14.50 -39.11
N VAL A 170 -8.77 14.38 -39.56
CA VAL A 170 -9.06 14.16 -40.97
C VAL A 170 -9.46 15.46 -41.69
N ASN A 171 -8.47 16.18 -42.20
CA ASN A 171 -8.64 17.43 -42.92
C ASN A 171 -7.44 17.61 -43.84
N GLU A 172 -7.36 18.74 -44.56
CA GLU A 172 -6.31 18.93 -45.57
C GLU A 172 -5.80 20.37 -45.66
N HIS A 173 -5.14 20.68 -46.80
CA HIS A 173 -4.88 22.04 -47.27
C HIS A 173 -3.99 22.95 -46.41
N ASP A 174 -2.68 22.81 -46.55
CA ASP A 174 -1.70 23.80 -46.05
C ASP A 174 -1.83 25.12 -46.80
N GLU A 175 -2.53 26.08 -46.19
CA GLU A 175 -2.31 27.49 -46.48
C GLU A 175 -2.36 28.29 -45.19
N HIS A 176 -2.64 27.60 -44.08
CA HIS A 176 -3.12 28.24 -42.87
C HIS A 176 -2.63 27.49 -41.64
N LYS A 177 -2.87 28.09 -40.49
CA LYS A 177 -2.52 27.51 -39.20
C LYS A 177 -3.79 27.15 -38.44
N THR A 178 -3.85 25.92 -37.95
CA THR A 178 -4.82 25.52 -36.94
C THR A 178 -4.09 24.80 -35.82
N LEU A 179 -4.78 24.68 -34.69
CA LEU A 179 -4.25 23.96 -33.54
C LEU A 179 -5.43 23.46 -32.72
N VAL A 180 -5.34 22.20 -32.29
CA VAL A 180 -6.41 21.54 -31.58
C VAL A 180 -5.85 20.94 -30.31
N LYS A 181 -6.48 21.27 -29.18
CA LYS A 181 -6.11 20.74 -27.88
C LYS A 181 -7.10 19.65 -27.51
N ILE A 182 -6.58 18.51 -27.08
CA ILE A 182 -7.39 17.33 -26.76
C ILE A 182 -7.11 16.95 -25.32
N ARG A 183 -8.16 16.74 -24.54
CA ARG A 183 -8.05 16.53 -23.10
C ARG A 183 -9.01 15.43 -22.69
N VAL A 184 -8.47 14.27 -22.32
CA VAL A 184 -9.25 13.07 -22.03
C VAL A 184 -9.45 12.95 -20.52
N TYR A 185 -10.65 12.61 -20.09
CA TYR A 185 -10.96 12.47 -18.67
C TYR A 185 -11.31 11.01 -18.41
N HIS A 186 -10.44 10.30 -17.72
CA HIS A 186 -10.76 8.92 -17.38
C HIS A 186 -11.71 8.88 -16.20
N ARG A 187 -12.63 7.93 -16.24
CA ARG A 187 -13.51 7.63 -15.12
C ARG A 187 -13.66 6.12 -15.00
N ALA A 188 -13.43 5.59 -13.81
CA ALA A 188 -13.51 4.16 -13.57
C ALA A 188 -14.86 3.77 -12.97
N LYS A 189 -15.51 2.78 -13.57
CA LYS A 189 -16.75 2.24 -13.04
C LYS A 189 -16.52 0.88 -12.42
N HIS A 190 -17.42 0.55 -11.48
CA HIS A 190 -17.52 -0.77 -10.84
C HIS A 190 -16.20 -1.19 -10.22
N VAL A 191 -15.57 -0.26 -9.51
CA VAL A 191 -14.20 -0.44 -9.07
C VAL A 191 -14.20 -1.42 -7.92
N GLU A 192 -13.48 -2.53 -8.08
CA GLU A 192 -13.36 -3.55 -7.07
C GLU A 192 -11.91 -3.56 -6.63
N ALA A 193 -11.65 -3.24 -5.37
CA ALA A 193 -10.28 -3.13 -4.89
C ALA A 193 -9.95 -4.28 -3.95
N TRP A 194 -8.66 -4.54 -3.82
CA TRP A 194 -8.21 -5.60 -2.93
C TRP A 194 -6.88 -5.22 -2.32
N ILE A 195 -6.63 -5.76 -1.14
CA ILE A 195 -5.34 -5.78 -0.45
C ILE A 195 -4.84 -4.36 -0.19
N PRO A 196 -5.33 -3.75 0.89
CA PRO A 196 -4.92 -2.39 1.23
C PRO A 196 -3.43 -2.27 1.45
N ARG A 197 -2.90 -1.11 1.10
CA ARG A 197 -1.46 -0.92 1.06
C ARG A 197 -1.13 0.40 1.73
N ALA A 198 -0.05 0.41 2.49
CA ALA A 198 0.35 1.63 3.18
C ALA A 198 0.72 2.72 2.18
N PRO A 199 0.37 3.97 2.45
CA PRO A 199 0.62 5.04 1.48
C PRO A 199 2.09 5.39 1.38
N ARG A 200 2.43 6.07 0.29
CA ARG A 200 3.79 6.52 0.06
C ARG A 200 4.13 7.72 0.95
N ALA A 201 5.42 7.89 1.19
CA ALA A 201 5.90 9.08 1.91
C ALA A 201 6.12 10.25 0.97
N LEU A 202 6.89 10.05 -0.08
CA LEU A 202 7.16 11.13 -1.01
C LEU A 202 6.24 11.06 -2.21
N PRO A 203 6.08 12.15 -2.95
CA PRO A 203 5.68 12.03 -4.34
C PRO A 203 6.73 11.23 -5.11
N TYR A 204 6.26 10.46 -6.09
CA TYR A 204 7.05 9.39 -6.68
C TYR A 204 8.17 9.95 -7.56
N THR A 205 9.00 9.04 -8.06
CA THR A 205 10.05 9.40 -9.00
C THR A 205 10.06 8.54 -10.25
N SER A 206 9.20 7.52 -10.34
CA SER A 206 9.15 6.68 -11.52
C SER A 206 7.76 6.08 -11.66
N ILE A 207 7.49 5.57 -12.86
CA ILE A 207 6.22 4.90 -13.16
C ILE A 207 6.50 3.40 -13.17
N GLY A 208 5.71 2.66 -12.40
CA GLY A 208 5.83 1.22 -12.39
C GLY A 208 6.78 0.72 -11.34
N ARG A 209 7.99 1.28 -11.31
CA ARG A 209 8.97 0.94 -10.29
C ARG A 209 8.61 1.65 -8.99
N THR A 210 8.43 0.89 -7.92
CA THR A 210 8.14 1.49 -6.63
C THR A 210 9.44 1.95 -6.01
N ASN A 211 9.95 3.08 -6.49
CA ASN A 211 11.20 3.64 -6.01
C ASN A 211 10.88 4.85 -5.15
N TYR A 212 11.57 4.97 -4.02
CA TYR A 212 11.37 6.21 -3.33
C TYR A 212 12.49 7.18 -3.69
N PRO A 213 12.18 8.45 -3.89
CA PRO A 213 13.17 9.39 -4.43
C PRO A 213 14.26 9.69 -3.42
N LYS A 214 15.45 9.94 -3.94
CA LYS A 214 16.61 10.30 -3.14
C LYS A 214 16.47 11.75 -2.66
N ASN A 215 17.42 12.15 -1.80
CA ASN A 215 17.68 13.55 -1.45
C ASN A 215 16.50 14.18 -0.73
N THR A 216 15.79 13.37 0.05
CA THR A 216 14.47 13.72 0.54
C THR A 216 14.50 14.78 1.65
N GLU A 217 13.42 15.55 1.70
CA GLU A 217 13.07 16.40 2.81
C GLU A 217 12.24 15.59 3.82
N PRO A 218 12.16 16.03 5.10
CA PRO A 218 11.39 15.25 6.08
C PRO A 218 9.89 15.27 5.81
N VAL A 219 9.33 14.09 5.55
CA VAL A 219 7.92 13.98 5.22
C VAL A 219 7.06 14.17 6.46
N ILE A 220 7.61 13.96 7.65
CA ILE A 220 6.85 14.09 8.89
C ILE A 220 7.26 15.39 9.55
N LYS A 221 6.41 15.89 10.43
CA LYS A 221 6.63 17.21 10.99
C LYS A 221 7.19 17.15 12.40
N LYS A 222 8.16 18.02 12.66
CA LYS A 222 8.73 18.20 13.99
C LYS A 222 7.69 18.73 14.96
N ARG A 223 7.86 18.41 16.24
CA ARG A 223 6.98 18.98 17.25
C ARG A 223 7.26 20.46 17.42
N LYS A 224 6.19 21.22 17.64
CA LYS A 224 6.30 22.66 17.91
C LYS A 224 6.82 22.83 19.33
N GLY A 225 8.14 22.70 19.46
CA GLY A 225 8.77 22.75 20.77
C GLY A 225 9.23 21.39 21.24
N ASP A 226 8.54 20.84 22.23
CA ASP A 226 8.86 19.55 22.83
C ASP A 226 7.64 18.65 22.78
N ILE A 227 7.69 17.55 23.53
CA ILE A 227 6.53 16.68 23.68
C ILE A 227 5.41 17.42 24.43
N LYS A 228 5.78 18.41 25.25
CA LYS A 228 4.87 19.45 25.71
C LYS A 228 4.18 20.12 24.53
N SER A 229 2.87 19.94 24.43
CA SER A 229 2.09 20.49 23.34
C SER A 229 1.65 21.91 23.69
N TYR A 230 0.66 22.43 22.96
CA TYR A 230 0.15 23.81 23.06
C TYR A 230 1.24 24.86 22.88
N CYS B 1 -1.84 -29.93 37.52
CA CYS B 1 -2.32 -29.12 36.41
C CYS B 1 -2.06 -27.64 36.65
N GLY B 2 -2.45 -26.82 35.67
CA GLY B 2 -2.11 -25.41 35.68
C GLY B 2 -2.14 -24.85 34.28
N TYR B 3 -1.07 -24.18 33.87
CA TYR B 3 -0.97 -23.66 32.51
C TYR B 3 -0.87 -24.78 31.49
N SER B 4 -1.66 -24.69 30.43
CA SER B 4 -1.84 -25.76 29.45
C SER B 4 -1.74 -25.21 28.03
N ASP B 5 -0.68 -24.45 27.74
CA ASP B 5 -0.55 -23.82 26.43
C ASP B 5 -0.31 -24.86 25.34
N ARG B 6 -0.69 -24.50 24.12
CA ARG B 6 -0.78 -25.45 23.01
C ARG B 6 0.63 -25.75 22.51
N VAL B 7 1.31 -26.65 23.21
CA VAL B 7 2.73 -26.89 23.03
C VAL B 7 2.93 -28.35 22.65
N GLN B 8 1.81 -29.04 22.39
CA GLN B 8 1.84 -30.46 22.05
C GLN B 8 2.42 -30.66 20.65
N GLN B 9 2.61 -31.92 20.27
CA GLN B 9 3.31 -32.29 19.05
C GLN B 9 2.59 -31.79 17.79
N ILE B 10 3.10 -30.70 17.23
CA ILE B 10 2.84 -30.40 15.83
C ILE B 10 3.97 -31.05 15.04
N THR B 11 3.82 -32.34 14.83
CA THR B 11 4.70 -33.11 13.97
C THR B 11 4.12 -33.16 12.58
N LEU B 12 4.97 -33.00 11.57
CA LEU B 12 4.47 -32.88 10.22
C LEU B 12 5.57 -33.29 9.25
N GLY B 13 5.49 -34.53 8.76
CA GLY B 13 6.48 -35.07 7.86
C GLY B 13 7.79 -35.37 8.56
N ASN B 14 8.86 -34.70 8.15
CA ASN B 14 10.16 -34.87 8.77
C ASN B 14 10.32 -33.89 9.92
N SER B 15 9.29 -33.09 10.17
CA SER B 15 9.37 -31.94 11.03
C SER B 15 8.55 -32.20 12.28
N THR B 16 9.18 -31.99 13.43
CA THR B 16 8.56 -32.28 14.72
C THR B 16 8.76 -31.11 15.68
N ILE B 17 8.48 -29.88 15.21
CA ILE B 17 8.91 -28.65 15.87
C ILE B 17 8.38 -28.51 17.29
N THR B 18 7.06 -28.39 17.42
CA THR B 18 6.30 -28.16 18.68
C THR B 18 7.02 -27.29 19.71
N THR B 19 7.40 -26.08 19.28
CA THR B 19 7.96 -25.10 20.19
C THR B 19 7.01 -23.89 20.17
N GLN B 20 6.05 -23.86 21.08
CA GLN B 20 5.07 -22.78 21.11
C GLN B 20 4.95 -22.18 22.50
N GLU B 21 5.30 -20.91 22.60
CA GLU B 21 5.11 -20.08 23.76
C GLU B 21 3.98 -19.11 23.46
N ALA B 22 2.90 -19.16 24.28
CA ALA B 22 1.68 -18.39 24.08
C ALA B 22 1.12 -18.58 22.67
N ALA B 23 0.61 -19.76 22.37
CA ALA B 23 0.44 -20.28 21.02
C ALA B 23 -0.75 -19.68 20.25
N ASN B 24 -1.18 -18.46 20.61
CA ASN B 24 -2.19 -17.69 19.89
C ASN B 24 -1.83 -17.54 18.41
N ALA B 25 -2.84 -17.48 17.54
CA ALA B 25 -2.59 -17.51 16.10
C ALA B 25 -3.29 -16.33 15.45
N VAL B 26 -2.56 -15.58 14.62
CA VAL B 26 -3.16 -14.59 13.74
C VAL B 26 -2.96 -15.04 12.29
N VAL B 27 -4.06 -15.19 11.61
CA VAL B 27 -4.13 -15.51 10.19
C VAL B 27 -4.12 -14.19 9.45
N CYS B 28 -3.68 -14.19 8.18
CA CYS B 28 -3.57 -12.97 7.38
C CYS B 28 -4.90 -12.26 7.20
N TYR B 29 -5.88 -12.96 6.65
CA TYR B 29 -7.22 -12.44 6.50
C TYR B 29 -8.18 -13.53 6.92
N ALA B 30 -9.46 -13.36 6.56
CA ALA B 30 -10.45 -14.36 6.92
C ALA B 30 -10.27 -15.67 6.15
N GLU B 31 -9.46 -15.65 5.09
CA GLU B 31 -9.27 -16.84 4.28
C GLU B 31 -8.10 -17.69 4.79
N TRP B 32 -8.39 -18.95 5.07
CA TRP B 32 -7.43 -20.00 5.39
C TRP B 32 -6.66 -20.45 4.15
N PRO B 33 -5.49 -21.08 4.32
CA PRO B 33 -4.82 -21.69 3.17
C PRO B 33 -5.64 -22.87 2.66
N GLU B 34 -6.21 -22.71 1.47
CA GLU B 34 -7.17 -23.67 0.95
C GLU B 34 -6.64 -24.24 -0.35
N TYR B 35 -6.86 -25.53 -0.56
CA TYR B 35 -6.29 -26.22 -1.72
C TYR B 35 -6.99 -25.85 -3.01
N LEU B 36 -8.30 -26.06 -3.08
CA LEU B 36 -8.99 -26.17 -4.35
C LEU B 36 -9.20 -24.80 -4.99
N PRO B 37 -8.67 -24.57 -6.20
CA PRO B 37 -8.95 -23.30 -6.89
C PRO B 37 -10.30 -23.32 -7.58
N ASP B 38 -10.82 -24.52 -7.81
CA ASP B 38 -12.13 -24.75 -8.42
C ASP B 38 -12.59 -26.14 -7.99
N VAL B 39 -13.66 -26.62 -8.61
CA VAL B 39 -14.15 -27.94 -8.31
C VAL B 39 -13.46 -28.95 -9.21
N ASP B 40 -13.77 -28.89 -10.50
CA ASP B 40 -13.35 -29.83 -11.52
C ASP B 40 -13.36 -29.13 -12.88
N ALA B 41 -12.98 -29.90 -13.90
CA ALA B 41 -13.29 -29.57 -15.28
C ALA B 41 -14.27 -30.58 -15.88
N SER B 42 -15.12 -31.17 -15.04
CA SER B 42 -16.02 -32.30 -15.36
C SER B 42 -15.23 -33.47 -15.95
N ASP B 43 -14.12 -33.82 -15.31
CA ASP B 43 -13.17 -34.79 -15.86
C ASP B 43 -12.51 -35.54 -14.71
N VAL B 44 -11.96 -36.71 -15.05
CA VAL B 44 -11.20 -37.49 -14.08
C VAL B 44 -9.91 -36.76 -13.73
N ASN B 45 -9.55 -36.74 -12.45
CA ASN B 45 -8.48 -35.90 -11.97
C ASN B 45 -7.22 -36.72 -11.68
N LYS B 46 -6.08 -36.22 -12.17
CA LYS B 46 -4.76 -36.59 -11.69
C LYS B 46 -4.06 -35.39 -11.05
N THR B 47 -4.79 -34.59 -10.28
CA THR B 47 -4.33 -33.29 -9.80
C THR B 47 -3.13 -33.44 -8.88
N SER B 48 -2.10 -32.61 -9.11
CA SER B 48 -0.87 -32.69 -8.33
C SER B 48 -1.13 -32.34 -6.87
N LYS B 49 -0.99 -33.34 -6.01
CA LYS B 49 -1.19 -33.20 -4.58
C LYS B 49 0.12 -33.51 -3.88
N PRO B 50 0.97 -32.51 -3.61
CA PRO B 50 2.19 -32.76 -2.85
C PRO B 50 2.09 -32.46 -1.36
N ASP B 51 0.89 -32.13 -0.85
CA ASP B 51 0.70 -31.78 0.57
C ASP B 51 1.04 -32.92 1.50
N THR B 52 1.00 -34.15 1.02
CA THR B 52 1.51 -35.27 1.80
C THR B 52 3.02 -35.13 2.04
N SER B 53 3.74 -34.50 1.12
CA SER B 53 5.19 -34.43 1.20
C SER B 53 5.72 -33.05 0.82
N VAL B 54 5.05 -31.99 1.29
CA VAL B 54 5.66 -30.67 1.11
C VAL B 54 5.47 -29.90 2.40
N CYS B 55 4.63 -30.42 3.29
CA CYS B 55 4.15 -29.66 4.45
C CYS B 55 5.13 -29.66 5.61
N ARG B 56 6.40 -29.97 5.37
CA ARG B 56 7.44 -29.92 6.38
C ARG B 56 7.65 -28.49 6.87
N PHE B 57 8.23 -28.38 8.06
CA PHE B 57 8.54 -27.08 8.65
C PHE B 57 9.97 -26.76 8.27
N TYR B 58 10.15 -26.16 7.11
CA TYR B 58 11.50 -25.86 6.65
C TYR B 58 11.99 -24.63 7.40
N THR B 59 12.86 -24.83 8.38
CA THR B 59 13.39 -23.71 9.15
C THR B 59 14.43 -22.96 8.33
N LEU B 60 14.92 -21.85 8.87
CA LEU B 60 15.92 -21.07 8.18
C LEU B 60 17.18 -21.04 9.01
N ASP B 61 18.14 -20.24 8.56
CA ASP B 61 19.29 -19.94 9.39
C ASP B 61 18.85 -18.96 10.47
N SER B 62 19.50 -19.04 11.62
CA SER B 62 19.18 -18.12 12.70
C SER B 62 19.95 -16.82 12.53
N LYS B 63 19.32 -15.72 12.92
CA LYS B 63 19.88 -14.39 12.75
C LYS B 63 19.92 -13.66 14.08
N THR B 64 21.02 -12.92 14.31
CA THR B 64 21.38 -12.45 15.63
C THR B 64 20.97 -10.99 15.81
N TRP B 65 19.88 -10.77 16.54
CA TRP B 65 19.35 -9.43 16.81
C TRP B 65 20.31 -8.73 17.78
N THR B 66 21.21 -7.94 17.23
CA THR B 66 22.05 -7.13 18.09
C THR B 66 21.36 -5.81 18.39
N THR B 67 22.01 -5.00 19.23
CA THR B 67 21.51 -3.66 19.49
C THR B 67 21.63 -2.79 18.25
N GLY B 68 22.74 -2.91 17.53
CA GLY B 68 22.90 -2.22 16.28
C GLY B 68 22.39 -3.04 15.11
N SER B 69 21.08 -3.25 15.07
CA SER B 69 20.46 -4.04 14.02
C SER B 69 19.24 -3.31 13.51
N LYS B 70 18.92 -3.53 12.23
CA LYS B 70 17.85 -2.78 11.59
C LYS B 70 16.72 -3.64 11.07
N GLY B 71 17.00 -4.78 10.47
CA GLY B 71 15.91 -5.64 10.02
C GLY B 71 16.39 -6.68 9.04
N TRP B 72 15.48 -7.61 8.73
CA TRP B 72 15.74 -8.71 7.82
C TRP B 72 14.55 -8.93 6.91
N CYS B 73 14.79 -9.25 5.64
CA CYS B 73 13.73 -9.37 4.65
C CYS B 73 14.00 -10.53 3.71
N TRP B 74 13.15 -11.55 3.74
CA TRP B 74 13.23 -12.68 2.83
C TRP B 74 12.06 -12.66 1.86
N LYS B 75 12.33 -12.97 0.59
CA LYS B 75 11.27 -13.12 -0.41
C LYS B 75 10.74 -14.54 -0.31
N LEU B 76 9.49 -14.67 0.15
CA LEU B 76 9.02 -15.93 0.70
C LEU B 76 8.94 -17.12 -0.26
N PRO B 77 8.39 -17.04 -1.48
CA PRO B 77 8.42 -18.25 -2.32
C PRO B 77 9.77 -18.52 -2.91
N ASP B 78 10.71 -17.58 -2.81
CA ASP B 78 12.02 -17.72 -3.42
C ASP B 78 13.09 -17.77 -2.33
N ALA B 79 12.69 -17.73 -1.07
CA ALA B 79 13.62 -18.04 -0.01
C ALA B 79 13.95 -19.53 0.02
N LEU B 80 12.97 -20.37 -0.30
CA LEU B 80 13.15 -21.82 -0.29
C LEU B 80 13.46 -22.34 -1.69
N LYS B 81 14.52 -21.80 -2.29
CA LYS B 81 14.86 -22.24 -3.63
C LYS B 81 15.84 -23.42 -3.65
N ASP B 82 16.93 -23.34 -2.92
CA ASP B 82 18.00 -24.32 -3.00
C ASP B 82 17.86 -25.41 -1.94
N MET B 83 16.64 -25.74 -1.57
CA MET B 83 16.45 -26.56 -0.39
C MET B 83 15.11 -27.27 -0.46
N GLY B 84 15.06 -28.44 0.18
CA GLY B 84 13.84 -29.19 0.33
C GLY B 84 13.37 -29.85 -0.95
N VAL B 85 12.31 -30.65 -0.81
CA VAL B 85 11.62 -31.16 -1.97
C VAL B 85 10.76 -30.06 -2.57
N PHE B 86 10.44 -29.01 -1.79
CA PHE B 86 9.68 -27.89 -2.30
C PHE B 86 10.49 -27.08 -3.30
N GLY B 87 11.77 -26.87 -3.03
CA GLY B 87 12.62 -26.18 -3.98
C GLY B 87 12.85 -26.99 -5.25
N GLN B 88 12.98 -28.31 -5.12
CA GLN B 88 13.14 -29.13 -6.31
C GLN B 88 11.84 -29.27 -7.08
N ASN B 89 10.69 -29.10 -6.42
CA ASN B 89 9.42 -29.00 -7.14
C ASN B 89 9.28 -27.64 -7.79
N MET B 90 9.90 -26.62 -7.21
CA MET B 90 9.87 -25.27 -7.74
C MET B 90 10.67 -25.15 -9.04
N PHE B 91 11.93 -25.60 -9.05
CA PHE B 91 12.63 -25.69 -10.32
C PHE B 91 12.10 -26.79 -11.22
N PHE B 92 11.63 -27.89 -10.63
CA PHE B 92 11.23 -29.05 -11.42
C PHE B 92 9.99 -28.75 -12.24
N HIS B 93 9.01 -28.10 -11.63
CA HIS B 93 7.87 -27.59 -12.36
C HIS B 93 8.19 -26.16 -12.77
N SER B 94 7.17 -25.44 -13.24
CA SER B 94 7.24 -23.99 -13.30
C SER B 94 6.23 -23.34 -12.37
N LEU B 95 4.96 -23.67 -12.51
CA LEU B 95 3.87 -22.98 -11.85
C LEU B 95 3.44 -23.76 -10.62
N GLY B 96 3.09 -23.05 -9.57
CA GLY B 96 2.64 -23.70 -8.34
C GLY B 96 1.82 -22.76 -7.51
N ARG B 97 0.95 -23.34 -6.68
CA ARG B 97 0.09 -22.63 -5.74
C ARG B 97 0.59 -22.97 -4.35
N SER B 98 0.98 -21.98 -3.59
CA SER B 98 1.63 -22.26 -2.30
C SER B 98 1.11 -21.29 -1.25
N GLY B 99 0.30 -21.80 -0.32
CA GLY B 99 0.01 -21.08 0.90
C GLY B 99 1.05 -21.45 1.92
N TYR B 100 1.40 -20.49 2.77
CA TYR B 100 2.49 -20.66 3.72
C TYR B 100 2.03 -20.44 5.15
N THR B 101 2.81 -20.97 6.08
CA THR B 101 2.62 -20.73 7.50
C THR B 101 3.97 -20.42 8.10
N VAL B 102 4.15 -19.19 8.56
CA VAL B 102 5.45 -18.70 8.99
C VAL B 102 5.44 -18.58 10.50
N HIS B 103 6.42 -19.20 11.15
CA HIS B 103 6.53 -19.18 12.60
C HIS B 103 7.90 -18.60 12.94
N VAL B 104 7.92 -17.32 13.33
CA VAL B 104 9.15 -16.64 13.72
C VAL B 104 9.29 -16.78 15.23
N GLN B 105 10.40 -17.33 15.67
CA GLN B 105 10.67 -17.49 17.09
C GLN B 105 11.96 -16.77 17.46
N CYS B 106 11.90 -16.06 18.58
CA CYS B 106 13.05 -15.36 19.13
C CYS B 106 13.33 -15.92 20.51
N ASN B 107 14.49 -16.54 20.68
CA ASN B 107 14.92 -16.90 22.02
C ASN B 107 15.24 -15.64 22.79
N ALA B 108 14.64 -15.50 23.96
CA ALA B 108 14.91 -14.38 24.82
C ALA B 108 14.68 -14.82 26.26
N THR B 109 15.54 -14.35 27.14
CA THR B 109 15.36 -14.65 28.55
C THR B 109 14.32 -13.71 29.14
N LYS B 110 14.09 -13.85 30.43
CA LYS B 110 13.17 -12.96 31.12
C LYS B 110 13.74 -11.55 31.21
N PHE B 111 15.06 -11.40 31.15
CA PHE B 111 15.72 -10.14 31.47
C PHE B 111 15.91 -9.25 30.26
N HIS B 112 15.53 -9.68 29.07
CA HIS B 112 15.81 -8.90 27.87
C HIS B 112 14.61 -8.04 27.52
N SER B 113 14.87 -6.78 27.21
CA SER B 113 13.83 -5.81 26.91
C SER B 113 13.92 -5.42 25.45
N GLY B 114 12.80 -5.54 24.75
CA GLY B 114 12.75 -5.14 23.35
C GLY B 114 11.47 -5.60 22.73
N CYS B 115 11.20 -5.07 21.55
CA CYS B 115 10.04 -5.48 20.79
C CYS B 115 10.39 -5.63 19.33
N LEU B 116 9.72 -6.57 18.69
CA LEU B 116 9.89 -6.84 17.28
C LEU B 116 8.57 -6.65 16.57
N LEU B 117 8.64 -6.42 15.27
CA LEU B 117 7.46 -6.40 14.43
C LEU B 117 7.69 -7.38 13.29
N VAL B 118 6.88 -8.41 13.24
CA VAL B 118 6.86 -9.26 12.06
C VAL B 118 5.75 -8.70 11.19
N VAL B 119 5.93 -8.82 9.87
CA VAL B 119 4.93 -8.29 8.94
C VAL B 119 5.06 -9.06 7.64
N VAL B 120 3.92 -9.45 7.09
CA VAL B 120 3.83 -10.16 5.83
C VAL B 120 3.22 -9.22 4.81
N ILE B 121 4.00 -8.91 3.78
CA ILE B 121 3.65 -7.87 2.82
C ILE B 121 3.43 -8.55 1.47
N PRO B 122 2.22 -8.54 0.93
CA PRO B 122 1.99 -9.19 -0.36
C PRO B 122 2.48 -8.31 -1.50
N GLU B 123 3.20 -8.96 -2.43
CA GLU B 123 3.73 -8.32 -3.64
C GLU B 123 4.63 -7.14 -3.34
N HIS B 124 5.51 -7.30 -2.37
CA HIS B 124 6.35 -6.18 -1.95
C HIS B 124 7.35 -5.83 -3.03
N GLN B 125 7.01 -4.86 -3.87
CA GLN B 125 7.96 -4.30 -4.80
C GLN B 125 9.01 -3.49 -4.04
N LEU B 126 10.22 -3.49 -4.58
CA LEU B 126 11.40 -3.03 -3.87
C LEU B 126 11.76 -1.62 -4.35
N ALA B 127 12.40 -0.85 -3.48
CA ALA B 127 12.97 0.43 -3.89
C ALA B 127 14.49 0.29 -3.99
N SER B 128 15.06 0.90 -5.02
CA SER B 128 16.46 0.70 -5.33
C SER B 128 17.38 1.55 -4.48
N HIS B 129 18.64 1.11 -4.40
CA HIS B 129 19.69 1.95 -3.84
C HIS B 129 20.02 3.10 -4.79
N GLU B 130 19.82 2.91 -6.10
CA GLU B 130 19.93 4.03 -7.03
C GLU B 130 18.84 5.06 -6.80
N GLY B 131 17.61 4.60 -6.55
CA GLY B 131 16.51 5.50 -6.30
C GLY B 131 16.08 6.34 -7.47
N GLY B 132 16.32 5.86 -8.68
CA GLY B 132 15.95 6.61 -9.87
C GLY B 132 14.97 5.82 -10.72
N ASN B 133 15.18 5.87 -12.03
CA ASN B 133 14.38 5.08 -12.96
C ASN B 133 15.04 3.74 -13.26
N VAL B 134 15.43 3.04 -12.19
CA VAL B 134 16.08 1.73 -12.27
C VAL B 134 15.96 1.10 -10.89
N SER B 135 15.83 -0.23 -10.87
CA SER B 135 15.83 -0.98 -9.63
C SER B 135 16.89 -2.07 -9.72
N VAL B 136 16.84 -2.95 -8.73
CA VAL B 136 17.65 -4.15 -8.71
C VAL B 136 17.30 -5.04 -9.91
N LYS B 137 18.31 -5.73 -10.44
CA LYS B 137 18.15 -6.64 -11.56
C LYS B 137 17.77 -8.06 -11.12
N TYR B 138 17.23 -8.18 -9.89
CA TYR B 138 16.78 -9.44 -9.28
C TYR B 138 17.92 -10.45 -9.13
N THR B 139 19.11 -9.96 -8.87
CA THR B 139 20.16 -10.77 -8.30
C THR B 139 20.35 -10.48 -6.82
N PHE B 140 20.15 -9.22 -6.42
CA PHE B 140 20.34 -8.82 -5.04
C PHE B 140 19.03 -8.86 -4.27
N THR B 141 17.94 -9.25 -4.93
CA THR B 141 16.62 -9.20 -4.32
C THR B 141 16.48 -10.30 -3.28
N HIS B 142 16.62 -11.54 -3.71
CA HIS B 142 16.23 -12.72 -2.94
C HIS B 142 17.43 -13.65 -2.88
N PRO B 143 18.38 -13.40 -1.98
CA PRO B 143 19.50 -14.35 -1.83
C PRO B 143 19.05 -15.71 -1.35
N GLY B 144 17.98 -15.79 -0.56
CA GLY B 144 17.47 -17.07 -0.10
C GLY B 144 18.26 -17.51 1.11
N GLU B 145 17.57 -17.76 2.22
CA GLU B 145 18.10 -18.14 3.54
C GLU B 145 18.97 -17.06 4.18
N ARG B 146 19.23 -15.95 3.51
CA ARG B 146 20.18 -14.96 3.99
C ARG B 146 19.44 -13.64 4.08
N GLY B 147 18.44 -13.49 3.22
CA GLY B 147 17.61 -12.31 3.23
C GLY B 147 18.32 -11.10 2.65
N ILE B 148 17.59 -9.99 2.61
CA ILE B 148 18.20 -8.74 2.21
C ILE B 148 19.14 -8.24 3.30
N ASP B 149 18.83 -8.52 4.56
CA ASP B 149 19.67 -8.23 5.73
C ASP B 149 19.96 -6.73 5.84
N LEU B 150 18.89 -6.01 6.16
CA LEU B 150 18.88 -4.55 6.23
C LEU B 150 19.81 -4.00 7.29
N SER B 151 20.25 -4.82 8.25
CA SER B 151 21.03 -4.38 9.39
C SER B 151 22.43 -4.02 8.94
N SER B 152 22.59 -2.76 8.50
CA SER B 152 23.87 -2.11 8.26
C SER B 152 24.70 -2.79 7.18
N ALA B 153 24.05 -3.51 6.27
CA ALA B 153 24.72 -4.16 5.15
C ALA B 153 24.31 -3.38 3.91
N ASN B 154 25.02 -2.29 3.65
CA ASN B 154 24.71 -1.44 2.51
C ASN B 154 25.53 -1.88 1.31
N GLU B 155 24.94 -1.71 0.13
CA GLU B 155 25.53 -2.20 -1.11
C GLU B 155 25.18 -1.22 -2.23
N VAL B 156 25.57 -1.60 -3.45
CA VAL B 156 25.47 -0.71 -4.61
C VAL B 156 24.89 -1.48 -5.79
N GLY B 157 23.96 -0.82 -6.48
CA GLY B 157 23.32 -1.38 -7.66
C GLY B 157 21.97 -2.03 -7.41
N GLY B 158 21.67 -2.44 -6.19
CA GLY B 158 20.46 -3.16 -5.91
C GLY B 158 19.46 -2.34 -5.12
N PRO B 159 18.78 -2.98 -4.18
CA PRO B 159 17.78 -2.27 -3.38
C PRO B 159 18.41 -1.36 -2.35
N VAL B 160 17.61 -0.40 -1.89
CA VAL B 160 18.02 0.47 -0.79
C VAL B 160 17.97 -0.34 0.51
N LYS B 161 18.66 0.15 1.54
CA LYS B 161 18.59 -0.48 2.86
C LYS B 161 17.96 0.45 3.88
N ASP B 162 17.15 1.40 3.43
CA ASP B 162 16.52 2.35 4.34
C ASP B 162 15.30 1.70 4.97
N VAL B 163 15.26 1.69 6.30
CA VAL B 163 14.27 0.88 6.99
C VAL B 163 12.97 1.62 7.25
N LEU B 164 12.98 2.96 7.24
CA LEU B 164 11.74 3.69 7.45
C LEU B 164 10.89 3.65 6.21
N TYR B 165 11.52 3.64 5.05
CA TYR B 165 10.80 3.56 3.78
C TYR B 165 10.59 2.12 3.35
N ASN B 166 11.17 1.20 4.13
CA ASN B 166 11.07 -0.28 4.01
C ASN B 166 11.10 -0.79 2.57
N MET B 167 12.02 -0.21 1.79
CA MET B 167 12.19 -0.45 0.36
C MET B 167 10.89 -0.25 -0.41
N ASN B 168 10.05 0.65 0.06
CA ASN B 168 8.72 0.75 -0.52
C ASN B 168 8.26 2.18 -0.71
N GLY B 169 8.93 3.15 -0.11
CA GLY B 169 8.42 4.49 -0.06
C GLY B 169 7.36 4.71 1.00
N THR B 170 6.99 3.68 1.73
CA THR B 170 5.95 3.79 2.73
C THR B 170 6.57 4.20 4.06
N LEU B 171 5.79 4.10 5.14
CA LEU B 171 6.25 4.54 6.43
C LEU B 171 6.10 3.43 7.46
N LEU B 172 7.00 3.48 8.44
CA LEU B 172 7.27 2.35 9.30
C LEU B 172 6.09 2.01 10.20
N GLY B 173 5.57 3.00 10.91
CA GLY B 173 4.42 2.77 11.76
C GLY B 173 3.12 2.67 11.02
N ASN B 174 3.15 2.95 9.71
CA ASN B 174 1.99 2.92 8.86
C ASN B 174 1.84 1.56 8.19
N LEU B 175 2.71 0.63 8.51
CA LEU B 175 2.85 -0.60 7.75
C LEU B 175 1.89 -1.69 8.19
N LEU B 176 1.06 -1.42 9.19
CA LEU B 176 0.37 -2.48 9.93
C LEU B 176 -0.98 -2.88 9.35
N ILE B 177 -1.40 -2.33 8.22
CA ILE B 177 -2.56 -2.91 7.59
C ILE B 177 -2.21 -4.17 6.84
N PHE B 178 -0.93 -4.41 6.60
CA PHE B 178 -0.50 -5.74 6.28
C PHE B 178 -0.61 -6.62 7.52
N PRO B 179 -0.79 -7.92 7.35
CA PRO B 179 -0.79 -8.83 8.50
C PRO B 179 0.52 -8.79 9.26
N HIS B 180 0.41 -8.83 10.58
CA HIS B 180 1.53 -8.50 11.45
C HIS B 180 1.21 -9.02 12.83
N GLN B 181 2.26 -9.18 13.65
CA GLN B 181 2.06 -9.39 15.08
C GLN B 181 3.35 -8.94 15.77
N PHE B 182 3.21 -8.31 16.93
CA PHE B 182 4.35 -7.76 17.67
C PHE B 182 4.91 -8.79 18.63
N ILE B 183 6.22 -9.03 18.55
CA ILE B 183 6.89 -9.90 19.50
C ILE B 183 7.37 -9.02 20.66
N ASN B 184 6.64 -9.05 21.76
CA ASN B 184 6.96 -8.26 22.94
C ASN B 184 7.59 -9.20 23.95
N LEU B 185 8.84 -8.93 24.32
CA LEU B 185 9.57 -9.83 25.21
C LEU B 185 9.02 -9.83 26.63
N ARG B 186 8.20 -8.85 26.99
CA ARG B 186 7.42 -8.96 28.21
C ARG B 186 6.37 -10.05 28.09
N THR B 187 5.76 -10.19 26.91
CA THR B 187 4.62 -11.06 26.75
C THR B 187 4.98 -12.37 26.05
N ASN B 188 5.54 -12.30 24.84
CA ASN B 188 5.72 -13.50 24.05
C ASN B 188 7.15 -13.57 23.56
N ASN B 189 7.49 -14.70 22.95
CA ASN B 189 8.81 -14.85 22.35
C ASN B 189 8.74 -15.29 20.91
N THR B 190 7.55 -15.59 20.40
CA THR B 190 7.38 -16.09 19.04
C THR B 190 6.17 -15.43 18.40
N ALA B 191 6.05 -15.63 17.09
CA ALA B 191 4.94 -15.08 16.33
C ALA B 191 4.60 -16.02 15.19
N THR B 192 3.32 -16.15 14.89
CA THR B 192 2.85 -16.97 13.78
C THR B 192 1.95 -16.14 12.89
N ILE B 193 2.14 -16.27 11.58
CA ILE B 193 1.32 -15.63 10.57
C ILE B 193 0.90 -16.72 9.61
N VAL B 194 -0.39 -16.83 9.32
CA VAL B 194 -0.91 -17.86 8.43
C VAL B 194 -1.23 -17.20 7.11
N ILE B 195 -0.49 -17.57 6.07
CA ILE B 195 -0.51 -16.86 4.79
C ILE B 195 -1.27 -17.72 3.78
N PRO B 196 -2.47 -17.34 3.36
CA PRO B 196 -3.10 -18.00 2.22
C PRO B 196 -2.48 -17.50 0.92
N TYR B 197 -2.81 -18.20 -0.16
CA TYR B 197 -2.22 -17.85 -1.44
C TYR B 197 -2.84 -16.56 -1.95
N ILE B 198 -2.02 -15.72 -2.57
CA ILE B 198 -2.45 -14.40 -3.00
C ILE B 198 -1.77 -14.05 -4.33
N ASN B 199 -2.59 -13.97 -5.37
CA ASN B 199 -2.16 -13.59 -6.72
C ASN B 199 -3.41 -13.37 -7.56
N SER B 200 -3.32 -12.39 -8.45
CA SER B 200 -4.39 -12.14 -9.40
C SER B 200 -4.52 -13.24 -10.45
N VAL B 201 -3.48 -14.04 -10.66
CA VAL B 201 -3.55 -15.20 -11.54
C VAL B 201 -3.59 -16.43 -10.63
N PRO B 202 -4.51 -17.37 -10.86
CA PRO B 202 -4.68 -18.47 -9.88
C PRO B 202 -3.50 -19.41 -9.78
N ILE B 203 -2.66 -19.51 -10.80
CA ILE B 203 -1.53 -20.40 -10.79
C ILE B 203 -0.34 -19.67 -11.39
N ASP B 204 0.83 -19.75 -10.75
CA ASP B 204 1.91 -18.86 -11.15
C ASP B 204 3.25 -19.47 -10.84
N SER B 205 4.25 -19.09 -11.65
CA SER B 205 5.62 -19.50 -11.43
C SER B 205 6.19 -18.80 -10.20
N MET B 206 6.79 -19.59 -9.30
CA MET B 206 7.48 -19.00 -8.17
C MET B 206 8.96 -18.78 -8.41
N THR B 207 9.51 -19.31 -9.50
CA THR B 207 10.87 -18.96 -9.85
C THR B 207 10.94 -17.54 -10.41
N ARG B 208 9.90 -17.10 -11.11
CA ARG B 208 9.84 -15.78 -11.71
C ARG B 208 9.27 -14.72 -10.76
N HIS B 209 8.24 -15.08 -10.01
CA HIS B 209 7.43 -14.12 -9.29
C HIS B 209 7.62 -14.26 -7.79
N ASN B 210 7.90 -13.14 -7.12
CA ASN B 210 8.11 -13.11 -5.68
C ASN B 210 6.78 -12.69 -5.06
N ASN B 211 6.06 -13.66 -4.50
CA ASN B 211 4.74 -13.40 -3.94
C ASN B 211 4.83 -12.51 -2.72
N VAL B 212 5.63 -12.91 -1.74
CA VAL B 212 5.62 -12.34 -0.40
C VAL B 212 7.04 -12.00 0.03
N SER B 213 7.25 -10.78 0.52
CA SER B 213 8.38 -10.49 1.36
C SER B 213 7.98 -10.66 2.82
N LEU B 214 8.86 -11.29 3.59
CA LEU B 214 8.68 -11.41 5.03
C LEU B 214 9.71 -10.53 5.72
N MET B 215 9.23 -9.61 6.56
CA MET B 215 10.12 -8.73 7.31
C MET B 215 9.97 -8.98 8.79
N VAL B 216 11.10 -9.15 9.47
CA VAL B 216 11.16 -9.05 10.93
C VAL B 216 12.07 -7.88 11.26
N ILE B 217 11.52 -6.90 11.97
CA ILE B 217 12.22 -5.66 12.24
C ILE B 217 12.06 -5.26 13.70
N PRO B 218 13.13 -4.74 14.32
CA PRO B 218 13.04 -4.29 15.71
C PRO B 218 12.50 -2.87 15.75
N ILE B 219 11.31 -2.69 16.29
CA ILE B 219 10.81 -1.34 16.52
C ILE B 219 11.48 -0.73 17.75
N ALA B 220 11.42 -1.40 18.83
CA ALA B 220 12.17 -0.93 19.97
C ALA B 220 13.51 -1.64 20.04
N PRO B 221 14.58 -0.93 20.36
CA PRO B 221 15.90 -1.56 20.42
C PRO B 221 16.00 -2.52 21.59
N LEU B 222 16.86 -3.52 21.42
CA LEU B 222 17.06 -4.54 22.44
C LEU B 222 18.06 -4.03 23.48
N THR B 223 17.61 -3.92 24.72
CA THR B 223 18.49 -3.58 25.82
C THR B 223 18.65 -4.82 26.68
N VAL B 224 19.79 -5.49 26.52
CA VAL B 224 20.14 -6.62 27.36
C VAL B 224 20.67 -6.07 28.67
N PRO B 225 20.53 -6.78 29.79
CA PRO B 225 21.25 -6.38 31.00
C PRO B 225 22.75 -6.52 30.78
N THR B 226 23.51 -5.59 31.34
CA THR B 226 24.94 -5.55 31.09
C THR B 226 25.63 -6.71 31.79
N GLY B 227 26.67 -7.21 31.15
CA GLY B 227 27.25 -8.47 31.55
C GLY B 227 26.70 -9.68 30.83
N ALA B 228 25.66 -9.50 30.02
CA ALA B 228 25.17 -10.55 29.15
C ALA B 228 25.62 -10.28 27.72
N THR B 229 25.28 -11.21 26.85
CA THR B 229 25.62 -11.06 25.44
C THR B 229 24.69 -10.02 24.80
N PRO B 230 25.22 -9.07 24.03
CA PRO B 230 24.38 -8.10 23.32
C PRO B 230 23.86 -8.64 21.99
N SER B 231 23.21 -9.80 22.04
CA SER B 231 22.73 -10.46 20.84
C SER B 231 21.64 -11.43 21.22
N LEU B 232 20.59 -11.48 20.42
CA LEU B 232 19.52 -12.44 20.60
C LEU B 232 19.22 -13.07 19.25
N PRO B 233 18.88 -14.35 19.24
CA PRO B 233 18.64 -15.03 17.96
C PRO B 233 17.20 -14.98 17.50
N ILE B 234 17.04 -14.95 16.19
CA ILE B 234 15.74 -15.02 15.54
C ILE B 234 15.73 -16.27 14.68
N THR B 235 14.75 -17.14 14.91
CA THR B 235 14.58 -18.33 14.09
C THR B 235 13.23 -18.27 13.42
N VAL B 236 13.21 -18.48 12.11
CA VAL B 236 12.01 -18.45 11.30
C VAL B 236 11.85 -19.77 10.57
N THR B 237 10.65 -20.35 10.68
CA THR B 237 10.34 -21.63 10.06
C THR B 237 9.14 -21.44 9.14
N ILE B 238 9.17 -22.07 7.98
CA ILE B 238 8.09 -21.97 7.01
C ILE B 238 7.49 -23.36 6.80
N ALA B 239 6.19 -23.47 6.95
CA ALA B 239 5.47 -24.69 6.63
C ALA B 239 4.52 -24.39 5.49
N PRO B 240 4.88 -24.72 4.26
CA PRO B 240 3.98 -24.45 3.14
C PRO B 240 2.76 -25.35 3.17
N MET B 241 1.60 -24.80 3.52
CA MET B 241 0.40 -25.59 3.73
C MET B 241 -0.55 -25.47 2.56
N CYS B 242 -1.21 -26.59 2.24
CA CYS B 242 -2.17 -26.72 1.15
C CYS B 242 -1.54 -26.29 -0.18
N THR B 243 -0.32 -26.77 -0.40
CA THR B 243 0.50 -26.37 -1.52
C THR B 243 0.21 -27.23 -2.74
N GLU B 244 0.10 -26.59 -3.90
CA GLU B 244 -0.28 -27.25 -5.15
C GLU B 244 0.71 -26.88 -6.24
N PHE B 245 0.94 -27.78 -7.18
CA PHE B 245 1.75 -27.50 -8.36
C PHE B 245 0.95 -27.87 -9.61
N SER B 246 1.43 -27.38 -10.75
CA SER B 246 0.72 -27.52 -12.01
C SER B 246 1.25 -28.58 -12.94
N GLY B 247 2.57 -28.71 -13.07
CA GLY B 247 3.17 -29.56 -14.09
C GLY B 247 3.03 -31.05 -13.83
N ILE B 248 1.81 -31.55 -13.93
CA ILE B 248 1.51 -32.96 -13.71
C ILE B 248 1.86 -33.75 -14.97
N ARG B 249 2.55 -34.89 -14.78
CA ARG B 249 2.98 -35.86 -15.80
C ARG B 249 3.60 -35.20 -17.03
N SER B 250 4.36 -34.15 -16.77
CA SER B 250 4.84 -33.28 -17.84
C SER B 250 6.35 -33.07 -17.76
N LYS B 251 6.87 -32.90 -16.55
CA LYS B 251 8.23 -32.40 -16.35
C LYS B 251 9.22 -33.55 -16.31
N SER B 252 10.28 -33.48 -17.13
CA SER B 252 11.27 -34.54 -17.12
C SER B 252 12.51 -34.17 -16.32
N ILE B 253 13.27 -33.16 -16.78
CA ILE B 253 14.44 -32.65 -16.09
C ILE B 253 14.80 -31.28 -16.65
N VAL B 254 14.99 -30.30 -15.76
CA VAL B 254 15.71 -29.07 -16.08
C VAL B 254 16.77 -28.84 -14.99
N PRO B 255 18.06 -28.87 -15.35
CA PRO B 255 19.10 -28.54 -14.38
C PRO B 255 19.53 -27.08 -14.47
N GLN B 256 19.86 -26.52 -13.32
CA GLN B 256 20.35 -25.15 -13.21
C GLN B 256 21.32 -25.04 -12.04
N GLY C 1 -42.79 11.23 -34.50
CA GLY C 1 -43.89 10.64 -33.77
C GLY C 1 -43.91 11.00 -32.31
N LEU C 2 -42.72 11.23 -31.75
CA LEU C 2 -42.58 11.55 -30.33
C LEU C 2 -42.16 12.99 -30.18
N PRO C 3 -43.06 13.90 -29.80
CA PRO C 3 -42.67 15.29 -29.62
C PRO C 3 -41.85 15.50 -28.36
N THR C 4 -40.90 16.43 -28.42
CA THR C 4 -39.99 16.61 -27.30
C THR C 4 -39.63 18.09 -27.23
N THR C 5 -39.03 18.47 -26.12
CA THR C 5 -38.62 19.85 -25.90
C THR C 5 -37.11 19.89 -25.79
N THR C 6 -36.60 21.06 -25.48
CA THR C 6 -35.21 21.28 -25.16
C THR C 6 -35.06 21.30 -23.64
N LEU C 7 -33.81 21.38 -23.19
CA LEU C 7 -33.60 21.72 -21.80
C LEU C 7 -32.38 22.64 -21.79
N PRO C 8 -32.46 23.76 -21.07
CA PRO C 8 -31.25 24.54 -20.82
C PRO C 8 -30.26 23.72 -20.01
N GLY C 9 -29.00 23.84 -20.37
CA GLY C 9 -28.02 22.88 -19.92
C GLY C 9 -27.91 21.74 -20.91
N SER C 10 -28.04 22.06 -22.18
CA SER C 10 -27.84 21.10 -23.26
C SER C 10 -26.44 21.30 -23.83
N GLY C 11 -25.81 20.18 -24.19
CA GLY C 11 -24.38 20.21 -24.46
C GLY C 11 -23.55 20.33 -23.22
N GLN C 12 -24.15 20.14 -22.05
CA GLN C 12 -23.47 20.24 -20.78
C GLN C 12 -22.51 19.08 -20.62
N PHE C 13 -21.39 19.34 -19.96
CA PHE C 13 -20.45 18.27 -19.63
C PHE C 13 -20.17 18.35 -18.14
N LEU C 14 -21.06 17.74 -17.35
CA LEU C 14 -20.73 17.48 -15.96
C LEU C 14 -19.64 16.44 -15.89
N THR C 15 -18.57 16.75 -15.17
CA THR C 15 -17.52 15.76 -14.97
C THR C 15 -18.00 14.64 -14.07
N THR C 16 -18.89 14.94 -13.15
CA THR C 16 -19.18 14.07 -12.02
C THR C 16 -20.44 13.25 -12.19
N ASP C 17 -21.08 13.28 -13.35
CA ASP C 17 -22.43 12.76 -13.50
C ASP C 17 -22.40 11.31 -13.97
N ASP C 18 -23.14 10.46 -13.28
CA ASP C 18 -23.18 9.02 -13.57
C ASP C 18 -24.15 8.78 -14.71
N ARG C 19 -23.63 8.67 -15.92
CA ARG C 19 -24.43 8.33 -17.08
C ARG C 19 -23.87 7.09 -17.75
N GLN C 20 -24.74 6.17 -18.10
CA GLN C 20 -24.35 4.97 -18.82
C GLN C 20 -23.94 5.35 -20.23
N SER C 21 -22.79 4.88 -20.66
CA SER C 21 -22.26 5.24 -21.96
C SER C 21 -22.00 4.00 -22.81
N PRO C 22 -22.10 4.11 -24.13
CA PRO C 22 -21.97 2.92 -24.98
C PRO C 22 -20.55 2.37 -25.02
N SER C 23 -20.45 1.09 -25.36
CA SER C 23 -19.20 0.37 -25.19
C SER C 23 -18.36 0.38 -26.45
N ALA C 24 -17.06 0.66 -26.28
CA ALA C 24 -16.15 0.56 -27.41
C ALA C 24 -15.85 -0.89 -27.76
N LEU C 25 -15.91 -1.77 -26.78
CA LEU C 25 -15.83 -3.19 -27.07
C LEU C 25 -17.16 -3.79 -26.68
N PRO C 26 -18.15 -3.77 -27.55
CA PRO C 26 -19.51 -4.09 -27.13
C PRO C 26 -19.72 -5.57 -26.87
N ASN C 27 -18.85 -6.37 -27.48
CA ASN C 27 -18.90 -7.82 -27.39
C ASN C 27 -17.50 -8.41 -27.17
N TYR C 28 -17.15 -8.53 -25.89
CA TYR C 28 -15.83 -9.01 -25.50
C TYR C 28 -15.93 -9.49 -24.06
N GLU C 29 -15.68 -10.76 -23.85
CA GLU C 29 -15.66 -11.24 -22.48
C GLU C 29 -14.33 -10.89 -21.84
N PRO C 30 -14.33 -10.33 -20.64
CA PRO C 30 -13.06 -9.97 -20.01
C PRO C 30 -12.42 -11.16 -19.33
N THR C 31 -11.28 -10.95 -18.70
CA THR C 31 -10.71 -11.96 -17.83
C THR C 31 -11.63 -12.12 -16.64
N PRO C 32 -12.12 -13.32 -16.37
CA PRO C 32 -13.25 -13.46 -15.43
C PRO C 32 -12.86 -13.18 -14.00
N ARG C 33 -13.87 -12.79 -13.21
CA ARG C 33 -13.67 -12.42 -11.82
C ARG C 33 -13.41 -13.66 -10.98
N ILE C 34 -12.27 -13.70 -10.31
CA ILE C 34 -11.94 -14.78 -9.40
C ILE C 34 -11.97 -14.23 -8.00
N HIS C 35 -11.89 -15.13 -7.02
CA HIS C 35 -11.84 -14.72 -5.63
C HIS C 35 -10.39 -14.64 -5.18
N ILE C 36 -10.03 -13.48 -4.66
CA ILE C 36 -8.73 -13.25 -4.03
C ILE C 36 -9.03 -12.62 -2.68
N PRO C 37 -8.21 -12.84 -1.65
CA PRO C 37 -8.60 -12.48 -0.30
C PRO C 37 -8.52 -10.98 -0.07
N GLY C 38 -9.00 -10.56 1.09
CA GLY C 38 -8.94 -9.16 1.50
C GLY C 38 -9.78 -8.22 0.68
N LYS C 39 -11.00 -8.63 0.32
CA LYS C 39 -11.91 -7.77 -0.40
C LYS C 39 -12.34 -6.61 0.48
N VAL C 40 -12.34 -5.43 -0.10
CA VAL C 40 -12.65 -4.21 0.63
C VAL C 40 -13.84 -3.51 -0.02
N HIS C 41 -14.77 -3.04 0.80
CA HIS C 41 -15.92 -2.30 0.33
C HIS C 41 -15.99 -0.88 0.87
N ASN C 42 -15.11 -0.49 1.78
CA ASN C 42 -15.26 0.77 2.48
C ASN C 42 -13.93 1.18 3.07
N LEU C 43 -13.73 2.48 3.23
CA LEU C 43 -12.54 2.96 3.89
C LEU C 43 -12.63 2.83 5.41
N LEU C 44 -13.80 2.51 5.93
CA LEU C 44 -13.95 2.32 7.37
C LEU C 44 -13.12 1.14 7.84
N GLU C 45 -13.17 0.02 7.12
CA GLU C 45 -12.31 -1.10 7.46
C GLU C 45 -10.86 -0.85 7.12
N ILE C 46 -10.56 0.16 6.30
CA ILE C 46 -9.16 0.55 6.15
C ILE C 46 -8.68 1.24 7.40
N ILE C 47 -9.47 2.15 7.95
CA ILE C 47 -9.01 2.93 9.09
C ILE C 47 -9.41 2.29 10.41
N GLN C 48 -9.88 1.05 10.37
CA GLN C 48 -10.12 0.31 11.60
C GLN C 48 -8.84 -0.23 12.24
N VAL C 49 -7.69 -0.10 11.60
CA VAL C 49 -6.47 -0.73 12.07
C VAL C 49 -5.63 0.30 12.81
N ASP C 50 -5.22 -0.04 14.04
CA ASP C 50 -4.30 0.77 14.83
C ASP C 50 -2.96 0.81 14.11
N THR C 51 -2.57 1.96 13.58
CA THR C 51 -1.29 1.91 12.88
C THR C 51 -0.13 2.12 13.85
N LEU C 52 0.20 3.38 14.13
CA LEU C 52 1.13 3.89 15.13
C LEU C 52 1.16 5.41 14.99
N ILE C 53 1.68 6.06 16.02
CA ILE C 53 1.78 7.51 16.08
C ILE C 53 3.25 7.87 16.24
N PRO C 54 3.78 8.72 15.40
CA PRO C 54 5.10 9.29 15.71
C PRO C 54 4.99 10.40 16.74
N MET C 55 5.34 10.09 17.98
CA MET C 55 5.31 11.09 19.03
C MET C 55 6.67 11.68 19.34
N ASN C 56 7.72 10.86 19.31
CA ASN C 56 9.09 11.34 19.49
C ASN C 56 9.71 11.68 18.13
N ASN C 57 8.96 12.43 17.35
CA ASN C 57 9.44 12.97 16.08
C ASN C 57 10.09 14.34 16.25
N THR C 58 10.63 14.61 17.44
CA THR C 58 11.31 15.85 17.74
C THR C 58 12.79 15.83 17.37
N HIS C 59 13.28 14.74 16.78
CA HIS C 59 14.59 14.79 16.16
C HIS C 59 14.46 15.17 14.68
N THR C 60 15.55 15.73 14.16
CA THR C 60 15.53 16.40 12.85
C THR C 60 15.34 15.42 11.70
N LYS C 61 16.30 14.53 11.51
CA LYS C 61 16.17 13.50 10.49
C LYS C 61 15.25 12.41 11.01
N ASP C 62 14.49 11.82 10.10
CA ASP C 62 13.46 10.87 10.49
C ASP C 62 14.07 9.47 10.58
N GLU C 63 13.97 8.85 11.76
CA GLU C 63 14.49 7.49 11.91
C GLU C 63 13.41 6.64 12.58
N VAL C 64 13.84 5.44 12.97
CA VAL C 64 12.98 4.49 13.68
C VAL C 64 12.57 5.04 15.04
N ASN C 65 13.40 5.86 15.67
CA ASN C 65 13.13 6.34 17.01
C ASN C 65 12.05 7.41 17.07
N SER C 66 11.41 7.73 15.95
CA SER C 66 10.35 8.71 15.92
C SER C 66 9.09 8.24 16.61
N TYR C 67 8.94 6.93 16.82
CA TYR C 67 7.78 6.40 17.50
C TYR C 67 8.03 5.99 18.94
N LEU C 68 9.26 6.12 19.42
CA LEU C 68 9.62 5.59 20.74
C LEU C 68 9.55 6.72 21.76
N ILE C 69 8.48 6.73 22.55
CA ILE C 69 8.35 7.71 23.62
C ILE C 69 9.37 7.37 24.70
N PRO C 70 10.32 8.25 25.00
CA PRO C 70 11.42 7.87 25.89
C PRO C 70 11.03 7.97 27.35
N LEU C 71 11.31 6.90 28.10
CA LEU C 71 10.98 6.80 29.52
C LEU C 71 12.26 6.65 30.32
N ASN C 72 12.50 7.59 31.22
CA ASN C 72 13.65 7.55 32.12
C ASN C 72 13.18 7.26 33.53
N ALA C 73 14.14 6.97 34.40
CA ALA C 73 13.85 6.76 35.81
C ALA C 73 13.73 8.11 36.52
N ASN C 74 13.49 8.04 37.84
CA ASN C 74 13.45 9.09 38.86
C ASN C 74 12.84 10.41 38.43
N ARG C 75 11.80 10.36 37.61
CA ARG C 75 11.00 11.53 37.25
C ARG C 75 9.55 11.23 37.58
N GLN C 76 8.91 12.14 38.31
CA GLN C 76 7.49 12.01 38.53
C GLN C 76 6.85 13.38 38.57
N ASN C 77 5.53 13.37 38.37
CA ASN C 77 4.70 14.55 38.20
C ASN C 77 5.19 15.44 37.07
N GLU C 78 5.65 14.85 35.98
CA GLU C 78 6.13 15.65 34.86
C GLU C 78 5.82 14.92 33.56
N GLN C 79 6.16 15.57 32.46
CA GLN C 79 5.53 15.31 31.18
C GLN C 79 6.01 14.01 30.55
N VAL C 80 5.08 13.30 29.92
CA VAL C 80 5.42 12.14 29.12
C VAL C 80 4.95 12.38 27.70
N PHE C 81 3.64 12.51 27.53
CA PHE C 81 2.99 12.74 26.24
C PHE C 81 2.71 14.22 26.04
N GLY C 82 1.78 14.50 25.13
CA GLY C 82 1.17 15.80 24.99
C GLY C 82 0.93 16.07 23.53
N THR C 83 -0.33 16.31 23.18
CA THR C 83 -0.71 16.46 21.78
C THR C 83 -2.07 17.14 21.68
N ASN C 84 -2.24 17.87 20.59
CA ASN C 84 -3.54 18.35 20.18
C ASN C 84 -4.14 17.25 19.31
N LEU C 85 -5.41 16.95 19.51
CA LEU C 85 -6.05 15.85 18.80
C LEU C 85 -6.65 16.32 17.48
N PHE C 86 -5.84 16.99 16.69
CA PHE C 86 -6.26 17.49 15.37
C PHE C 86 -5.65 16.57 14.34
N ILE C 87 -6.43 15.57 13.93
CA ILE C 87 -5.97 14.60 12.95
C ILE C 87 -5.95 15.27 11.59
N GLY C 88 -4.92 15.01 10.81
CA GLY C 88 -4.64 15.81 9.65
C GLY C 88 -3.68 16.92 9.91
N ASP C 89 -3.15 17.02 11.12
CA ASP C 89 -2.18 18.05 11.45
C ASP C 89 -1.27 17.54 12.55
N GLY C 90 -0.09 18.14 12.63
CA GLY C 90 0.86 17.82 13.67
C GLY C 90 1.42 16.42 13.58
N VAL C 91 1.26 15.66 14.66
CA VAL C 91 1.86 14.34 14.73
C VAL C 91 0.95 13.23 14.24
N PHE C 92 -0.34 13.51 14.04
CA PHE C 92 -1.26 12.50 13.54
C PHE C 92 -1.38 12.54 12.03
N LYS C 93 -0.72 13.52 11.39
CA LYS C 93 -0.86 13.74 9.96
C LYS C 93 -0.33 12.57 9.15
N THR C 94 0.78 12.00 9.59
CA THR C 94 1.41 10.90 8.87
C THR C 94 1.05 9.54 9.46
N THR C 95 -0.23 9.37 9.76
CA THR C 95 -0.74 8.06 10.09
C THR C 95 -1.64 7.67 8.95
N LEU C 96 -2.16 6.44 8.91
CA LEU C 96 -3.10 6.12 7.85
C LEU C 96 -4.40 6.88 8.04
N LEU C 97 -4.83 7.00 9.29
CA LEU C 97 -5.91 7.91 9.64
C LEU C 97 -5.60 9.32 9.20
N GLY C 98 -4.32 9.71 9.22
CA GLY C 98 -3.87 10.98 8.71
C GLY C 98 -4.21 11.28 7.26
N GLU C 99 -3.67 10.53 6.29
CA GLU C 99 -4.03 10.85 4.92
C GLU C 99 -5.45 10.47 4.56
N ILE C 100 -6.10 9.58 5.31
CA ILE C 100 -7.51 9.36 5.04
C ILE C 100 -8.33 10.59 5.43
N VAL C 101 -8.07 11.19 6.60
CA VAL C 101 -8.86 12.36 6.96
C VAL C 101 -8.38 13.57 6.19
N GLN C 102 -7.16 13.55 5.66
CA GLN C 102 -6.77 14.58 4.70
C GLN C 102 -7.46 14.39 3.38
N TYR C 103 -7.89 13.18 3.05
CA TYR C 103 -8.70 13.03 1.86
C TYR C 103 -10.08 13.66 1.98
N TYR C 104 -10.79 13.45 3.08
CA TYR C 104 -12.16 13.84 2.88
C TYR C 104 -12.50 15.29 3.20
N THR C 105 -13.02 15.60 4.38
CA THR C 105 -13.52 16.95 4.74
C THR C 105 -13.95 16.70 6.18
N HIS C 106 -14.93 17.47 6.68
CA HIS C 106 -15.68 17.30 7.91
C HIS C 106 -15.95 15.85 8.26
N TRP C 107 -15.63 15.49 9.49
CA TRP C 107 -15.64 14.12 9.93
C TRP C 107 -16.28 14.01 11.30
N SER C 108 -16.53 12.79 11.73
CA SER C 108 -17.15 12.53 13.02
C SER C 108 -16.78 11.13 13.46
N GLY C 109 -16.80 10.90 14.76
CA GLY C 109 -16.65 9.55 15.27
C GLY C 109 -15.67 9.48 16.41
N SER C 110 -15.88 8.48 17.25
CA SER C 110 -14.97 8.17 18.34
C SER C 110 -13.72 7.46 17.81
N LEU C 111 -12.70 7.41 18.64
CA LEU C 111 -11.42 6.85 18.23
C LEU C 111 -11.03 5.70 19.16
N ARG C 112 -9.90 5.07 18.84
CA ARG C 112 -9.35 3.99 19.65
C ARG C 112 -7.86 4.26 19.79
N PHE C 113 -7.51 5.01 20.82
CA PHE C 113 -6.10 5.20 21.16
C PHE C 113 -5.59 3.94 21.85
N SER C 114 -4.42 3.48 21.43
CA SER C 114 -3.80 2.34 22.07
C SER C 114 -2.42 2.75 22.55
N LEU C 115 -1.86 1.95 23.46
CA LEU C 115 -0.57 2.28 24.04
C LEU C 115 0.07 1.00 24.56
N MET C 116 1.36 0.84 24.32
CA MET C 116 2.04 -0.41 24.59
C MET C 116 3.46 -0.13 25.06
N TYR C 117 3.93 -0.90 26.03
CA TYR C 117 5.18 -0.66 26.72
C TYR C 117 6.27 -1.59 26.20
N THR C 118 7.46 -1.04 26.00
CA THR C 118 8.63 -1.80 25.55
C THR C 118 9.71 -1.69 26.61
N GLY C 119 9.72 -2.62 27.56
CA GLY C 119 10.74 -2.61 28.58
C GLY C 119 10.95 -4.00 29.15
N PRO C 120 11.65 -4.09 30.27
CA PRO C 120 11.91 -5.40 30.86
C PRO C 120 10.71 -5.92 31.63
N ALA C 121 10.71 -7.22 31.84
CA ALA C 121 9.62 -7.87 32.55
C ALA C 121 9.57 -7.48 34.01
N LEU C 122 10.73 -7.36 34.66
CA LEU C 122 10.82 -7.01 36.06
C LEU C 122 10.99 -5.50 36.27
N SER C 123 10.14 -4.74 35.61
CA SER C 123 10.15 -3.28 35.74
C SER C 123 8.73 -2.81 36.01
N SER C 124 8.60 -1.78 36.83
CA SER C 124 7.29 -1.26 37.20
C SER C 124 7.29 0.26 37.14
N ALA C 125 6.12 0.82 36.88
CA ALA C 125 5.91 2.26 36.81
C ALA C 125 4.42 2.54 36.84
N LYS C 126 4.03 3.69 37.38
CA LYS C 126 2.66 4.17 37.32
C LYS C 126 2.60 5.38 36.41
N LEU C 127 1.79 5.31 35.36
CA LEU C 127 1.69 6.40 34.40
C LEU C 127 0.24 6.85 34.31
N ILE C 128 -0.04 8.06 34.80
CA ILE C 128 -1.33 8.68 34.61
C ILE C 128 -1.37 9.27 33.21
N LEU C 129 -2.33 8.87 32.40
CA LEU C 129 -2.56 9.50 31.11
C LEU C 129 -3.96 10.10 31.12
N ALA C 130 -4.07 11.34 30.68
CA ALA C 130 -5.30 12.08 30.84
C ALA C 130 -5.78 12.68 29.54
N TYR C 131 -7.08 12.66 29.37
CA TYR C 131 -7.79 13.23 28.23
C TYR C 131 -8.47 14.48 28.76
N THR C 132 -8.40 15.56 28.00
CA THR C 132 -9.24 16.72 28.26
C THR C 132 -10.02 17.01 26.99
N PRO C 133 -11.31 17.32 27.11
CA PRO C 133 -12.17 17.45 25.93
C PRO C 133 -11.82 18.69 25.14
N PRO C 134 -12.25 18.77 23.87
CA PRO C 134 -12.02 20.01 23.10
C PRO C 134 -12.77 21.17 23.70
N GLY C 135 -12.10 22.31 23.83
CA GLY C 135 -12.70 23.47 24.44
C GLY C 135 -12.24 23.65 25.86
N ALA C 136 -11.34 22.77 26.31
CA ALA C 136 -10.81 22.88 27.66
C ALA C 136 -9.29 22.99 27.61
N ARG C 137 -8.72 23.86 28.42
CA ARG C 137 -7.27 23.99 28.49
C ARG C 137 -6.68 22.77 29.18
N GLY C 138 -5.69 22.17 28.55
CA GLY C 138 -5.07 20.95 29.02
C GLY C 138 -4.29 21.16 30.30
N PRO C 139 -4.15 20.10 31.08
CA PRO C 139 -3.58 20.20 32.42
C PRO C 139 -2.07 20.48 32.37
N GLN C 140 -1.60 21.08 33.46
CA GLN C 140 -0.22 21.54 33.56
C GLN C 140 0.69 20.59 34.30
N ASP C 141 0.15 19.64 35.07
CA ASP C 141 0.95 18.70 35.84
C ASP C 141 0.12 17.47 36.13
N ARG C 142 0.69 16.56 36.91
CA ARG C 142 0.01 15.31 37.25
C ARG C 142 -1.19 15.56 38.15
N ARG C 143 -1.12 16.61 38.96
CA ARG C 143 -2.20 17.03 39.83
C ARG C 143 -3.45 17.37 39.04
N GLU C 144 -3.32 18.35 38.12
CA GLU C 144 -4.45 18.83 37.35
C GLU C 144 -4.93 17.77 36.36
N ALA C 145 -4.03 16.89 35.92
CA ALA C 145 -4.44 15.77 35.10
C ALA C 145 -5.23 14.74 35.91
N MET C 146 -4.87 14.55 37.17
CA MET C 146 -5.58 13.61 38.01
C MET C 146 -7.00 14.09 38.29
N LEU C 147 -7.17 15.41 38.46
CA LEU C 147 -8.54 15.92 38.54
C LEU C 147 -9.29 15.80 37.22
N GLY C 148 -8.60 15.61 36.09
CA GLY C 148 -9.25 15.22 34.86
C GLY C 148 -9.63 13.75 34.88
N THR C 149 -10.04 13.26 33.71
CA THR C 149 -10.44 11.86 33.59
C THR C 149 -9.20 10.96 33.48
N HIS C 150 -8.54 10.80 34.63
CA HIS C 150 -7.21 10.22 34.69
C HIS C 150 -7.30 8.72 34.50
N VAL C 151 -6.31 8.17 33.80
CA VAL C 151 -6.22 6.75 33.50
C VAL C 151 -4.86 6.27 33.94
N VAL C 152 -4.80 5.22 34.78
CA VAL C 152 -3.46 4.77 35.14
C VAL C 152 -3.03 3.53 34.34
N TRP C 153 -3.77 2.40 34.44
CA TRP C 153 -3.48 1.11 33.76
C TRP C 153 -2.00 0.78 33.73
N ASP C 154 -1.44 0.53 34.91
CA ASP C 154 -0.02 0.75 35.19
C ASP C 154 0.92 -0.16 34.42
N ILE C 155 2.20 0.07 34.62
CA ILE C 155 3.24 -0.73 34.01
C ILE C 155 3.82 -1.64 35.07
N GLY C 156 3.99 -2.91 34.74
CA GLY C 156 4.60 -3.83 35.67
C GLY C 156 3.89 -5.16 35.64
N LEU C 157 2.60 -5.10 35.32
CA LEU C 157 1.84 -6.30 35.00
C LEU C 157 1.06 -6.18 33.72
N GLN C 158 0.79 -4.97 33.22
CA GLN C 158 0.04 -4.81 31.99
C GLN C 158 0.76 -3.85 31.06
N SER C 159 0.84 -4.27 29.80
CA SER C 159 1.62 -3.58 28.78
C SER C 159 0.75 -2.86 27.78
N THR C 160 -0.30 -3.50 27.29
CA THR C 160 -1.18 -2.92 26.28
C THR C 160 -2.29 -2.14 26.96
N ILE C 161 -2.28 -0.82 26.78
CA ILE C 161 -3.33 0.03 27.32
C ILE C 161 -4.09 0.63 26.15
N VAL C 162 -5.39 0.41 26.11
CA VAL C 162 -6.25 1.03 25.11
C VAL C 162 -7.18 1.96 25.83
N MET C 163 -7.41 3.14 25.25
CA MET C 163 -8.42 4.07 25.75
C MET C 163 -9.23 4.56 24.57
N THR C 164 -10.56 4.41 24.66
CA THR C 164 -11.43 5.01 23.67
C THR C 164 -11.45 6.52 23.83
N ILE C 165 -11.62 7.21 22.70
CA ILE C 165 -11.67 8.66 22.72
C ILE C 165 -13.07 9.08 22.28
N PRO C 166 -13.92 9.49 23.21
CA PRO C 166 -15.29 9.85 22.83
C PRO C 166 -15.30 11.12 21.99
N TRP C 167 -16.19 11.15 21.03
CA TRP C 167 -16.32 12.34 20.20
C TRP C 167 -17.44 13.21 20.74
N THR C 168 -17.21 14.52 20.70
CA THR C 168 -18.22 15.51 21.08
C THR C 168 -18.41 16.49 19.92
N SER C 169 -19.67 16.76 19.59
CA SER C 169 -20.01 17.63 18.47
C SER C 169 -19.84 19.09 18.91
N GLY C 170 -19.04 19.83 18.17
CA GLY C 170 -18.83 21.24 18.42
C GLY C 170 -19.86 22.05 17.65
N VAL C 171 -19.45 22.76 16.61
CA VAL C 171 -20.44 23.30 15.68
C VAL C 171 -20.75 22.23 14.62
N GLN C 172 -21.53 21.22 15.05
CA GLN C 172 -22.13 20.13 14.29
C GLN C 172 -21.13 19.15 13.66
N PHE C 173 -19.85 19.54 13.55
CA PHE C 173 -18.78 18.71 12.99
C PHE C 173 -17.42 19.26 13.40
N ARG C 174 -16.36 18.82 12.73
CA ARG C 174 -15.01 19.24 13.03
C ARG C 174 -14.48 20.14 11.93
N TYR C 175 -13.83 21.22 12.33
CA TYR C 175 -13.29 22.22 11.42
C TYR C 175 -12.11 21.62 10.67
N THR C 176 -12.17 21.69 9.34
CA THR C 176 -11.21 20.97 8.50
C THR C 176 -10.44 21.94 7.61
N ASP C 177 -10.25 23.16 8.09
CA ASP C 177 -9.46 24.17 7.41
C ASP C 177 -8.23 24.48 8.24
N PRO C 178 -7.08 24.82 7.62
CA PRO C 178 -5.83 24.89 8.38
C PRO C 178 -5.71 26.08 9.32
N ASP C 179 -5.95 25.84 10.60
CA ASP C 179 -5.77 26.80 11.69
C ASP C 179 -5.13 26.07 12.87
N THR C 180 -4.61 26.85 13.82
CA THR C 180 -3.95 26.34 15.01
C THR C 180 -4.77 26.70 16.23
N TYR C 181 -6.08 26.55 16.11
CA TYR C 181 -6.97 26.70 17.26
C TYR C 181 -6.73 25.55 18.23
N THR C 182 -7.12 25.76 19.49
CA THR C 182 -6.78 24.83 20.55
C THR C 182 -8.02 24.21 21.17
N SER C 183 -9.01 23.88 20.33
CA SER C 183 -10.23 23.25 20.78
C SER C 183 -10.49 22.00 19.95
N ALA C 184 -9.46 21.16 19.83
CA ALA C 184 -9.54 19.93 19.07
C ALA C 184 -9.48 18.68 19.94
N GLY C 185 -9.23 18.82 21.24
CA GLY C 185 -8.97 17.69 22.10
C GLY C 185 -7.52 17.70 22.52
N PHE C 186 -7.23 17.03 23.63
CA PHE C 186 -5.89 17.07 24.19
C PHE C 186 -5.70 15.81 25.01
N LEU C 187 -4.66 15.06 24.70
CA LEU C 187 -4.33 13.83 25.41
C LEU C 187 -2.88 13.95 25.86
N SER C 188 -2.63 13.63 27.13
CA SER C 188 -1.27 13.70 27.61
C SER C 188 -1.10 12.73 28.78
N CYS C 189 0.14 12.42 29.08
CA CYS C 189 0.50 11.40 30.05
C CYS C 189 1.52 11.95 31.04
N TRP C 190 1.45 11.46 32.28
CA TRP C 190 2.34 11.89 33.34
C TRP C 190 2.83 10.69 34.12
N TYR C 191 4.06 10.77 34.62
CA TYR C 191 4.50 9.78 35.58
C TYR C 191 3.75 9.98 36.89
N GLN C 192 2.94 8.99 37.27
CA GLN C 192 2.39 9.07 38.61
C GLN C 192 3.48 8.78 39.63
N THR C 193 4.29 7.77 39.38
CA THR C 193 5.54 7.62 40.12
C THR C 193 6.70 7.55 39.16
N SER C 194 7.88 7.54 39.75
CA SER C 194 9.10 7.35 38.99
C SER C 194 9.15 5.96 38.40
N LEU C 195 9.81 5.84 37.27
CA LEU C 195 10.00 4.53 36.66
C LEU C 195 10.99 3.72 37.49
N ILE C 196 10.59 2.52 37.89
CA ILE C 196 11.47 1.62 38.62
C ILE C 196 12.13 0.71 37.60
N LEU C 197 13.38 0.98 37.31
CA LEU C 197 14.14 0.14 36.41
C LEU C 197 14.65 -1.09 37.14
N PRO C 198 14.88 -2.18 36.43
CA PRO C 198 15.58 -3.33 37.00
C PRO C 198 17.03 -2.98 37.30
N PRO C 199 17.71 -3.74 38.18
CA PRO C 199 19.09 -3.41 38.51
C PRO C 199 20.00 -3.51 37.30
N GLU C 200 21.00 -2.62 37.27
CA GLU C 200 21.98 -2.42 36.20
C GLU C 200 21.37 -2.44 34.79
N THR C 201 20.23 -1.75 34.68
CA THR C 201 19.59 -1.57 33.38
C THR C 201 20.39 -0.59 32.52
N THR C 202 20.62 0.62 33.05
CA THR C 202 21.52 1.65 32.51
C THR C 202 21.13 2.05 31.08
N GLY C 203 19.94 2.63 30.95
CA GLY C 203 19.51 3.07 29.65
C GLY C 203 18.14 3.71 29.63
N GLN C 204 17.36 3.39 28.59
CA GLN C 204 16.02 3.92 28.42
C GLN C 204 15.09 2.80 27.98
N VAL C 205 13.84 2.93 28.38
CA VAL C 205 12.78 2.09 27.83
C VAL C 205 11.80 3.00 27.12
N TYR C 206 10.97 2.40 26.28
CA TYR C 206 10.13 3.19 25.40
C TYR C 206 8.70 2.68 25.44
N LEU C 207 7.80 3.52 24.98
CA LEU C 207 6.40 3.16 24.78
C LEU C 207 6.07 3.27 23.31
N LEU C 208 5.06 2.51 22.89
CA LEU C 208 4.58 2.55 21.53
C LEU C 208 3.11 2.89 21.52
N SER C 209 2.74 3.86 20.70
CA SER C 209 1.43 4.47 20.72
C SER C 209 0.76 4.24 19.37
N PHE C 210 -0.46 3.70 19.40
CA PHE C 210 -1.20 3.48 18.18
C PHE C 210 -2.49 4.31 18.18
N ILE C 211 -3.07 4.47 16.99
CA ILE C 211 -4.32 5.19 16.83
C ILE C 211 -5.11 4.57 15.69
N SER C 212 -6.43 4.54 15.86
CA SER C 212 -7.34 4.22 14.77
C SER C 212 -8.70 4.82 15.09
N ALA C 213 -9.69 4.42 14.32
CA ALA C 213 -11.05 4.90 14.47
C ALA C 213 -11.95 3.76 14.90
N CYS C 214 -12.89 4.05 15.81
CA CYS C 214 -13.89 3.03 16.20
C CYS C 214 -14.91 2.92 15.05
N PRO C 215 -15.72 1.86 14.92
CA PRO C 215 -16.76 1.79 13.88
C PRO C 215 -17.76 2.96 13.86
N ASP C 216 -17.74 3.83 14.88
CA ASP C 216 -18.63 5.02 14.93
C ASP C 216 -18.09 6.11 13.99
N PHE C 217 -16.93 5.88 13.36
CA PHE C 217 -16.32 6.94 12.51
C PHE C 217 -17.20 7.35 11.33
N LYS C 218 -17.01 8.58 10.86
CA LYS C 218 -17.84 9.14 9.75
C LYS C 218 -17.00 10.11 8.95
N LEU C 219 -17.14 10.11 7.62
CA LEU C 219 -16.44 10.95 6.65
C LEU C 219 -17.44 11.42 5.62
N ARG C 220 -17.55 12.73 5.41
CA ARG C 220 -18.78 13.28 4.85
C ARG C 220 -18.64 13.88 3.45
N LEU C 221 -17.73 14.82 3.23
CA LEU C 221 -17.53 15.43 1.93
C LEU C 221 -16.13 15.06 1.47
N MET C 222 -15.85 15.15 0.18
CA MET C 222 -14.56 14.77 -0.39
C MET C 222 -13.84 16.02 -0.87
N LYS C 223 -12.52 16.06 -0.73
CA LYS C 223 -11.76 17.19 -1.25
C LYS C 223 -10.64 16.74 -2.19
N ASP C 224 -10.00 17.74 -2.81
CA ASP C 224 -9.03 17.68 -3.91
C ASP C 224 -7.71 17.08 -3.52
N THR C 225 -7.28 17.33 -2.28
CA THR C 225 -6.08 16.77 -1.65
C THR C 225 -4.81 17.13 -2.41
N GLN C 226 -4.45 18.40 -2.35
CA GLN C 226 -3.19 18.82 -2.96
C GLN C 226 -1.98 18.29 -2.18
N THR C 227 -1.80 18.71 -0.93
CA THR C 227 -0.78 18.33 0.06
C THR C 227 0.66 18.68 -0.33
N ILE C 228 0.92 18.96 -1.61
CA ILE C 228 2.22 19.38 -2.12
C ILE C 228 2.07 20.50 -3.14
N SER C 229 0.83 21.01 -3.31
CA SER C 229 0.42 21.85 -4.44
C SER C 229 0.75 21.18 -5.78
N GLN C 230 0.06 20.07 -6.01
CA GLN C 230 0.47 19.04 -6.96
C GLN C 230 0.22 19.39 -8.43
N THR C 231 1.28 19.20 -9.23
CA THR C 231 1.21 19.15 -10.70
C THR C 231 2.48 18.48 -11.21
N VAL C 232 2.36 17.26 -11.74
CA VAL C 232 3.40 16.61 -12.54
C VAL C 232 2.72 15.90 -13.71
N ALA C 233 3.14 16.24 -14.93
CA ALA C 233 2.60 15.62 -16.13
C ALA C 233 3.59 14.69 -16.82
N LEU C 234 4.51 14.08 -16.07
CA LEU C 234 5.49 13.17 -16.67
C LEU C 234 4.83 11.85 -17.05
N THR C 235 4.87 11.53 -18.34
CA THR C 235 4.47 10.24 -18.88
C THR C 235 5.67 9.57 -19.54
N GLU C 236 5.67 8.25 -19.54
CA GLU C 236 6.73 7.49 -20.22
C GLU C 236 6.18 6.78 -21.46
#